data_5LZI
#
_entry.id   5LZI
#
_cell.length_a   63.170
_cell.length_b   75.870
_cell.length_c   125.180
_cell.angle_alpha   90.000
_cell.angle_beta   90.000
_cell.angle_gamma   90.000
#
_symmetry.space_group_name_H-M   'P 21 21 21'
#
loop_
_entity.id
_entity.type
_entity.pdbx_description
1 polymer 'Heat-labile enterotoxin B chain'
2 non-polymer GLYCEROL
3 non-polymer '(2~{R},4~{S},5~{R},6~{R})-5-acetamido-2-[4-[(2~{R})-3-[2-[(2~{S},3~{R},4~{R},5~{R},6~{R})-6-(hydroxymethyl)-3,4,5-tris(oxidanyl)oxan-2-yl]ethylamino]-3-oxidanylidene-2-(2-phenylethanoylamino)propyl]-1,2,3-triazol-1-yl]-4-oxidanyl-6-[(1~{R},2~{R})-1,2,3-tris(oxidanyl)propyl]oxane-2-carboxylic acid'
4 non-polymer DI(HYDROXYETHYL)ETHER
5 non-polymer '(2~{R},4~{S},5~{R},6~{R})-5-acetamido-2-[4-[(2~{S})-3-[2-[(2~{S},3~{R},4~{R},5~{R},6~{R})-6-(hydroxymethyl)-3,4,5-tris(oxidanyl)oxan-2-yl]ethylamino]-3-oxidanylidene-2-(2-phenylethanoylamino)propyl]-1,2,3-triazol-1-yl]-4-oxidanyl-6-[(1~{R},2~{R})-1,2,3-tris(oxidanyl)propyl]oxane-2-carboxylic acid'
6 non-polymer 'PHOSPHATE ION'
7 water water
#
_entity_poly.entity_id   1
_entity_poly.type   'polypeptide(L)'
_entity_poly.pdbx_seq_one_letter_code
;APQTITELCSEYHNTQIYTINDKILSYTESMAGKREMVIITFKSGETFQVEVPGSQHIDSQKKAIERMKDTLRITYLTET
KIDKLCVWNNKTPNSIAAISMKN
;
_entity_poly.pdbx_strand_id   A,B,C,D,E
#
loop_
_chem_comp.id
_chem_comp.type
_chem_comp.name
_chem_comp.formula
7BQ non-polymer '(2~{R},4~{S},5~{R},6~{R})-5-acetamido-2-[4-[(2~{R})-3-[2-[(2~{S},3~{R},4~{R},5~{R},6~{R})-6-(hydroxymethyl)-3,4,5-tris(oxidanyl)oxan-2-yl]ethylamino]-3-oxidanylidene-2-(2-phenylethanoylamino)propyl]-1,2,3-triazol-1-yl]-4-oxidanyl-6-[(1~{R},2~{R})-1,2,3-tris(oxidanyl)propyl]oxane-2-carboxylic acid' 'C32 H46 N6 O15'
7DB non-polymer '(2~{R},4~{S},5~{R},6~{R})-5-acetamido-2-[4-[(2~{S})-3-[2-[(2~{S},3~{R},4~{R},5~{R},6~{R})-6-(hydroxymethyl)-3,4,5-tris(oxidanyl)oxan-2-yl]ethylamino]-3-oxidanylidene-2-(2-phenylethanoylamino)propyl]-1,2,3-triazol-1-yl]-4-oxidanyl-6-[(1~{R},2~{R})-1,2,3-tris(oxidanyl)propyl]oxane-2-carboxylic acid' 'C32 H46 N6 O15'
GOL non-polymer GLYCEROL 'C3 H8 O3'
PEG non-polymer DI(HYDROXYETHYL)ETHER 'C4 H10 O3'
PO4 non-polymer 'PHOSPHATE ION' 'O4 P -3'
#
# COMPACT_ATOMS: atom_id res chain seq x y z
N ALA A 1 -19.30 20.63 1.59
CA ALA A 1 -17.88 20.42 1.99
C ALA A 1 -17.05 21.40 1.17
N PRO A 2 -15.77 21.63 1.58
CA PRO A 2 -14.94 22.54 0.82
C PRO A 2 -14.59 22.03 -0.56
N GLN A 3 -14.27 22.94 -1.44
CA GLN A 3 -13.85 22.60 -2.82
C GLN A 3 -12.45 22.92 -3.14
N THR A 4 -11.73 23.64 -2.26
CA THR A 4 -10.36 23.99 -2.46
C THR A 4 -9.63 23.81 -1.12
N ILE A 5 -8.31 23.67 -1.21
CA ILE A 5 -7.47 23.58 0.01
C ILE A 5 -7.57 24.81 0.82
N THR A 6 -7.67 25.98 0.16
CA THR A 6 -7.74 27.24 0.89
C THR A 6 -9.02 27.39 1.67
N GLU A 7 -10.12 26.97 1.08
CA GLU A 7 -11.41 27.03 1.71
C GLU A 7 -11.40 26.14 2.95
N LEU A 8 -10.85 24.95 2.76
CA LEU A 8 -10.75 23.98 3.91
C LEU A 8 -9.85 24.54 4.99
N CYS A 9 -8.74 25.08 4.62
CA CYS A 9 -7.76 25.61 5.59
C CYS A 9 -8.38 26.73 6.43
N SER A 10 -9.23 27.52 5.82
CA SER A 10 -9.93 28.59 6.51
C SER A 10 -10.96 28.14 7.46
N GLU A 11 -11.32 26.86 7.49
N GLU A 11 -11.33 26.85 7.47
CA GLU A 11 -12.27 26.43 8.51
CA GLU A 11 -12.27 26.38 8.48
C GLU A 11 -11.65 26.12 9.86
C GLU A 11 -11.63 26.02 9.82
N TYR A 12 -10.37 26.41 10.01
CA TYR A 12 -9.66 26.06 11.24
C TYR A 12 -8.93 27.25 11.82
N HIS A 13 -8.82 27.34 13.14
CA HIS A 13 -7.96 28.30 13.78
C HIS A 13 -6.47 27.89 13.65
N ASN A 14 -5.55 28.84 13.74
CA ASN A 14 -4.11 28.56 13.81
C ASN A 14 -3.60 27.93 12.54
N THR A 15 -4.19 28.25 11.41
CA THR A 15 -3.66 27.73 10.13
C THR A 15 -3.20 28.80 9.15
N GLN A 16 -2.41 28.43 8.16
CA GLN A 16 -2.15 29.28 7.04
C GLN A 16 -1.79 28.38 5.83
N ILE A 17 -1.89 28.99 4.68
CA ILE A 17 -1.47 28.32 3.44
C ILE A 17 -0.05 28.68 3.11
N TYR A 18 0.80 27.71 2.77
CA TYR A 18 2.09 27.94 2.12
C TYR A 18 1.94 27.50 0.66
N THR A 19 2.38 28.36 -0.28
CA THR A 19 2.46 27.98 -1.64
C THR A 19 3.87 27.45 -1.86
N ILE A 20 4.01 26.18 -2.16
CA ILE A 20 5.25 25.50 -2.24
C ILE A 20 5.68 25.45 -3.71
N ASN A 21 4.80 25.00 -4.60
CA ASN A 21 5.13 24.79 -5.95
C ASN A 21 6.50 24.17 -6.17
N ASP A 22 6.72 23.00 -5.54
CA ASP A 22 8.05 22.43 -5.62
C ASP A 22 7.96 20.97 -5.14
N LYS A 23 8.95 20.18 -5.52
CA LYS A 23 9.07 18.85 -4.97
C LYS A 23 9.73 18.90 -3.61
N ILE A 24 9.58 17.80 -2.82
CA ILE A 24 10.22 17.69 -1.53
C ILE A 24 11.76 17.48 -1.64
N LEU A 25 12.50 18.24 -0.83
CA LEU A 25 13.94 18.10 -0.79
C LEU A 25 14.36 16.92 0.05
N SER A 26 13.81 16.81 1.25
CA SER A 26 14.19 15.71 2.18
C SER A 26 12.96 15.17 2.87
N TYR A 27 13.06 13.87 3.18
CA TYR A 27 12.08 13.12 3.83
C TYR A 27 12.73 12.41 5.00
N THR A 28 12.12 12.58 6.16
CA THR A 28 12.60 11.97 7.41
C THR A 28 11.44 11.27 8.10
N GLU A 29 11.69 10.06 8.56
CA GLU A 29 10.65 9.21 9.16
C GLU A 29 11.23 8.55 10.41
N SER A 30 10.50 8.63 11.51
CA SER A 30 10.92 8.07 12.79
C SER A 30 9.89 7.09 13.38
N MET A 31 10.43 5.97 13.89
CA MET A 31 9.67 5.02 14.73
C MET A 31 10.09 5.04 16.15
N ALA A 32 10.89 5.98 16.53
CA ALA A 32 11.30 6.11 17.96
C ALA A 32 10.10 6.55 18.77
N GLY A 33 9.98 5.95 19.96
CA GLY A 33 8.79 6.05 20.75
C GLY A 33 8.55 7.47 21.24
N LYS A 34 7.33 7.94 21.10
N LYS A 34 7.33 7.95 21.12
CA LYS A 34 6.89 9.32 21.32
CA LYS A 34 6.91 9.33 21.37
C LYS A 34 7.36 10.30 20.25
C LYS A 34 7.35 10.29 20.25
N ARG A 35 8.04 9.78 19.23
CA ARG A 35 8.42 10.60 18.08
C ARG A 35 8.12 9.89 16.81
N GLU A 36 6.92 9.31 16.75
CA GLU A 36 6.49 8.56 15.56
C GLU A 36 5.89 9.59 14.60
N MET A 37 6.72 10.08 13.70
CA MET A 37 6.47 11.30 12.95
C MET A 37 7.26 11.28 11.61
N VAL A 38 6.85 12.18 10.72
CA VAL A 38 7.50 12.44 9.47
C VAL A 38 7.83 13.90 9.38
N ILE A 39 8.99 14.23 8.87
CA ILE A 39 9.42 15.63 8.68
C ILE A 39 9.84 15.79 7.21
N ILE A 40 9.34 16.81 6.52
CA ILE A 40 9.80 17.14 5.16
C ILE A 40 10.45 18.49 5.13
N THR A 41 11.35 18.70 4.16
CA THR A 41 11.91 20.03 3.89
C THR A 41 11.85 20.31 2.44
N PHE A 42 11.97 21.60 2.16
CA PHE A 42 12.02 22.13 0.80
C PHE A 42 13.28 22.95 0.64
N LYS A 43 13.65 23.15 -0.63
CA LYS A 43 14.87 23.94 -0.88
C LYS A 43 14.74 25.40 -0.56
N SER A 44 13.52 25.88 -0.35
CA SER A 44 13.20 27.19 0.23
C SER A 44 13.74 27.39 1.62
N GLY A 45 14.07 26.28 2.28
CA GLY A 45 14.40 26.21 3.69
C GLY A 45 13.23 25.95 4.65
N GLU A 46 12.00 25.81 4.17
N GLU A 46 12.02 25.77 4.16
CA GLU A 46 10.92 25.49 5.08
CA GLU A 46 10.87 25.50 5.01
C GLU A 46 11.03 24.01 5.47
C GLU A 46 10.84 24.01 5.39
N THR A 47 10.47 23.75 6.66
CA THR A 47 10.41 22.40 7.24
C THR A 47 8.99 22.25 7.76
N PHE A 48 8.41 21.10 7.55
CA PHE A 48 7.06 20.80 8.04
C PHE A 48 7.01 19.35 8.63
N GLN A 49 6.09 19.14 9.54
CA GLN A 49 5.91 17.82 10.11
C GLN A 49 4.50 17.30 9.93
N VAL A 50 4.38 15.99 9.98
CA VAL A 50 3.16 15.37 10.37
C VAL A 50 3.36 15.03 11.85
N GLU A 51 2.47 15.55 12.68
CA GLU A 51 2.64 15.35 14.12
C GLU A 51 2.45 13.93 14.58
N VAL A 52 3.11 13.64 15.70
CA VAL A 52 2.88 12.42 16.44
C VAL A 52 1.39 12.41 16.84
N PRO A 53 0.69 11.29 16.67
CA PRO A 53 -0.72 11.28 17.11
C PRO A 53 -0.80 11.58 18.60
N GLY A 54 -1.77 12.37 18.97
CA GLY A 54 -1.81 12.88 20.33
C GLY A 54 -3.24 13.18 20.76
N SER A 55 -3.36 13.67 21.97
CA SER A 55 -4.70 13.82 22.51
C SER A 55 -5.47 15.01 21.88
N GLN A 56 -4.78 15.86 21.14
CA GLN A 56 -5.46 16.90 20.33
C GLN A 56 -6.22 16.35 19.13
N HIS A 57 -5.87 15.16 18.74
CA HIS A 57 -6.53 14.54 17.58
C HIS A 57 -7.77 13.79 17.96
N ILE A 58 -8.76 13.83 17.09
CA ILE A 58 -9.97 13.08 17.26
C ILE A 58 -9.88 11.73 16.56
N ASP A 59 -10.74 10.79 16.91
CA ASP A 59 -10.58 9.41 16.41
C ASP A 59 -10.61 9.34 14.90
N SER A 60 -11.37 10.17 14.25
CA SER A 60 -11.48 10.18 12.77
C SER A 60 -10.16 10.60 12.06
N GLN A 61 -9.29 11.25 12.77
CA GLN A 61 -7.98 11.60 12.27
C GLN A 61 -6.95 10.50 12.29
N LYS A 62 -7.14 9.45 13.09
N LYS A 62 -7.19 9.42 13.04
CA LYS A 62 -6.05 8.47 13.15
CA LYS A 62 -6.18 8.37 13.13
C LYS A 62 -5.72 7.87 11.76
C LYS A 62 -5.75 7.87 11.77
N LYS A 63 -6.71 7.40 10.99
CA LYS A 63 -6.38 6.84 9.64
C LYS A 63 -5.87 7.93 8.70
N ALA A 64 -6.30 9.17 8.89
CA ALA A 64 -5.90 10.28 8.04
C ALA A 64 -4.49 10.67 8.28
N ILE A 65 -4.02 10.59 9.55
CA ILE A 65 -2.63 10.93 9.83
C ILE A 65 -1.74 9.87 9.13
N GLU A 66 -2.14 8.59 9.26
CA GLU A 66 -1.38 7.54 8.57
C GLU A 66 -1.36 7.73 7.01
N ARG A 67 -2.52 8.11 6.47
CA ARG A 67 -2.63 8.38 5.02
C ARG A 67 -1.66 9.53 4.64
N MET A 68 -1.62 10.60 5.40
CA MET A 68 -0.84 11.76 5.03
C MET A 68 0.64 11.37 4.97
N LYS A 69 1.07 10.57 5.93
CA LYS A 69 2.47 10.08 5.90
C LYS A 69 2.72 9.20 4.71
N ASP A 70 1.75 8.37 4.33
CA ASP A 70 1.85 7.54 3.13
C ASP A 70 1.99 8.49 1.92
N THR A 71 1.20 9.53 1.89
CA THR A 71 1.26 10.46 0.76
C THR A 71 2.58 11.17 0.63
N LEU A 72 3.11 11.63 1.74
CA LEU A 72 4.37 12.30 1.70
C LEU A 72 5.51 11.44 1.25
N ARG A 73 5.53 10.17 1.69
CA ARG A 73 6.56 9.25 1.24
C ARG A 73 6.52 9.07 -0.29
N ILE A 74 5.37 8.72 -0.85
CA ILE A 74 5.29 8.44 -2.29
C ILE A 74 5.52 9.78 -3.05
N THR A 75 5.04 10.90 -2.52
CA THR A 75 5.29 12.16 -3.16
C THR A 75 6.82 12.43 -3.24
N TYR A 76 7.52 12.19 -2.16
CA TYR A 76 8.94 12.36 -2.15
C TYR A 76 9.66 11.43 -3.15
N LEU A 77 9.33 10.17 -3.14
CA LEU A 77 10.02 9.18 -4.00
C LEU A 77 9.77 9.45 -5.49
N THR A 78 8.60 9.98 -5.81
CA THR A 78 8.19 10.23 -7.22
C THR A 78 8.64 11.61 -7.67
N GLU A 79 9.17 12.43 -6.78
CA GLU A 79 9.52 13.81 -7.12
C GLU A 79 8.34 14.62 -7.57
N THR A 80 7.16 14.28 -7.04
CA THR A 80 5.96 14.99 -7.38
C THR A 80 5.94 16.40 -6.80
N LYS A 81 5.55 17.37 -7.62
CA LYS A 81 5.46 18.74 -7.11
C LYS A 81 4.23 18.95 -6.26
N ILE A 82 4.45 19.53 -5.11
CA ILE A 82 3.40 20.01 -4.22
C ILE A 82 3.02 21.42 -4.60
N ASP A 83 1.73 21.71 -4.61
N ASP A 83 1.71 21.68 -4.65
CA ASP A 83 1.27 23.05 -4.89
CA ASP A 83 1.12 23.00 -4.96
C ASP A 83 1.14 23.85 -3.61
C ASP A 83 1.12 23.80 -3.65
N LYS A 84 0.17 23.51 -2.77
CA LYS A 84 0.03 24.18 -1.47
C LYS A 84 0.01 23.19 -0.28
N LEU A 85 0.39 23.73 0.88
CA LEU A 85 0.15 23.07 2.15
C LEU A 85 -0.69 23.99 3.02
N CYS A 86 -1.66 23.41 3.69
CA CYS A 86 -2.36 24.05 4.81
C CYS A 86 -1.68 23.52 6.03
N VAL A 87 -1.17 24.40 6.90
CA VAL A 87 -0.43 23.96 8.09
C VAL A 87 -0.98 24.70 9.31
N TRP A 88 -0.88 24.05 10.44
CA TRP A 88 -1.04 24.67 11.77
C TRP A 88 0.28 25.33 12.07
N ASN A 89 0.18 26.63 12.43
CA ASN A 89 1.33 27.46 12.70
C ASN A 89 1.59 27.70 14.14
N ASN A 90 0.95 26.95 15.00
CA ASN A 90 1.20 26.90 16.46
C ASN A 90 1.99 25.69 16.90
N LYS A 91 2.76 25.16 15.94
CA LYS A 91 3.72 24.09 16.20
C LYS A 91 4.98 24.34 15.47
N THR A 92 6.05 23.77 15.98
CA THR A 92 7.36 23.87 15.31
C THR A 92 7.93 22.49 15.14
N PRO A 93 8.23 22.07 13.93
CA PRO A 93 7.92 22.73 12.64
C PRO A 93 6.40 22.84 12.48
N ASN A 94 5.98 23.75 11.59
CA ASN A 94 4.60 23.82 11.33
C ASN A 94 4.04 22.45 10.92
N SER A 95 2.80 22.25 11.21
CA SER A 95 2.16 20.94 11.19
C SER A 95 1.17 20.80 10.02
N ILE A 96 1.33 19.74 9.21
CA ILE A 96 0.53 19.58 8.01
C ILE A 96 -0.90 19.17 8.29
N ALA A 97 -1.86 19.99 7.87
CA ALA A 97 -3.25 19.67 7.88
C ALA A 97 -3.79 19.16 6.50
N ALA A 98 -3.31 19.76 5.42
CA ALA A 98 -3.74 19.37 4.11
C ALA A 98 -2.67 19.67 3.08
N ILE A 99 -2.75 18.98 1.91
CA ILE A 99 -1.79 19.12 0.84
C ILE A 99 -2.55 19.15 -0.46
N SER A 100 -2.04 19.92 -1.40
CA SER A 100 -2.58 19.87 -2.74
C SER A 100 -1.46 19.73 -3.76
N MET A 101 -1.78 19.11 -4.88
CA MET A 101 -0.81 18.88 -5.96
C MET A 101 -1.56 19.06 -7.27
N LYS A 102 -0.95 19.77 -8.25
CA LYS A 102 -1.63 19.93 -9.55
C LYS A 102 -0.67 19.64 -10.67
N ASN A 103 -1.23 19.23 -11.80
CA ASN A 103 -0.42 18.96 -12.96
C ASN A 103 -1.16 19.67 -14.03
N ALA B 1 -24.91 -9.17 -10.04
CA ALA B 1 -24.28 -7.84 -9.71
C ALA B 1 -24.17 -7.07 -11.02
N PRO B 2 -23.98 -5.75 -10.94
CA PRO B 2 -23.82 -4.98 -12.16
C PRO B 2 -22.60 -5.36 -12.96
N GLN B 3 -22.64 -5.13 -14.27
CA GLN B 3 -21.48 -5.38 -15.14
C GLN B 3 -20.73 -4.17 -15.55
N THR B 4 -21.29 -2.96 -15.35
CA THR B 4 -20.68 -1.74 -15.75
C THR B 4 -20.95 -0.66 -14.65
N ILE B 5 -20.13 0.37 -14.67
CA ILE B 5 -20.31 1.49 -13.77
C ILE B 5 -21.65 2.18 -13.97
N THR B 6 -22.15 2.20 -15.19
CA THR B 6 -23.42 2.87 -15.46
C THR B 6 -24.60 2.05 -14.91
N GLU B 7 -24.55 0.72 -15.06
CA GLU B 7 -25.55 -0.16 -14.44
CA GLU B 7 -25.54 -0.15 -14.45
C GLU B 7 -25.58 -0.01 -12.92
N LEU B 8 -24.36 0.02 -12.33
CA LEU B 8 -24.23 0.14 -10.92
C LEU B 8 -24.82 1.49 -10.46
N CYS B 9 -24.44 2.53 -11.13
CA CYS B 9 -24.83 3.92 -10.80
C CYS B 9 -26.34 4.09 -10.86
N SER B 10 -26.94 3.45 -11.86
CA SER B 10 -28.42 3.45 -11.95
C SER B 10 -29.21 2.76 -10.83
N GLU B 11 -28.60 1.95 -9.97
CA GLU B 11 -29.27 1.31 -8.86
C GLU B 11 -29.55 2.30 -7.74
N TYR B 12 -28.94 3.47 -7.81
CA TYR B 12 -28.89 4.40 -6.67
C TYR B 12 -29.69 5.63 -6.94
N HIS B 13 -30.35 6.13 -5.90
CA HIS B 13 -30.92 7.46 -6.00
C HIS B 13 -29.84 8.57 -5.92
N ASN B 14 -30.15 9.75 -6.51
CA ASN B 14 -29.36 10.99 -6.32
C ASN B 14 -27.95 10.81 -6.95
N THR B 15 -27.84 10.02 -8.04
CA THR B 15 -26.58 9.85 -8.74
C THR B 15 -26.67 10.26 -10.16
N GLN B 16 -25.50 10.54 -10.78
CA GLN B 16 -25.36 10.65 -12.18
C GLN B 16 -23.95 10.21 -12.60
N ILE B 17 -23.78 9.91 -13.87
CA ILE B 17 -22.55 9.54 -14.49
C ILE B 17 -21.93 10.77 -15.09
N TYR B 18 -20.65 11.07 -14.79
CA TYR B 18 -19.86 12.02 -15.53
C TYR B 18 -18.87 11.27 -16.38
N THR B 19 -18.86 11.56 -17.71
CA THR B 19 -17.87 11.01 -18.56
C THR B 19 -16.74 12.00 -18.64
N ILE B 20 -15.59 11.66 -18.06
CA ILE B 20 -14.47 12.59 -17.99
C ILE B 20 -13.45 12.36 -19.04
N ASN B 21 -13.05 11.10 -19.22
CA ASN B 21 -12.01 10.79 -20.18
C ASN B 21 -10.77 11.65 -20.13
N ASP B 22 -10.20 11.76 -18.92
CA ASP B 22 -9.08 12.61 -18.64
C ASP B 22 -8.39 12.24 -17.34
N LYS B 23 -7.16 12.60 -17.27
CA LYS B 23 -6.39 12.49 -16.02
C LYS B 23 -6.95 13.53 -15.04
N ILE B 24 -6.70 13.29 -13.77
CA ILE B 24 -7.02 14.25 -12.74
C ILE B 24 -6.07 15.44 -12.85
N LEU B 25 -6.65 16.63 -12.76
CA LEU B 25 -5.92 17.87 -12.75
C LEU B 25 -5.27 18.21 -11.42
N SER B 26 -6.08 18.14 -10.35
CA SER B 26 -5.50 18.39 -9.02
C SER B 26 -6.07 17.41 -8.02
N TYR B 27 -5.21 17.20 -7.01
CA TYR B 27 -5.46 16.25 -5.91
C TYR B 27 -5.23 17.02 -4.62
N THR B 28 -6.20 16.98 -3.72
CA THR B 28 -6.10 17.61 -2.41
C THR B 28 -6.52 16.61 -1.38
N GLU B 29 -5.72 16.53 -0.32
CA GLU B 29 -5.95 15.54 0.76
C GLU B 29 -5.82 16.28 2.08
N SER B 30 -6.77 16.05 2.98
CA SER B 30 -6.75 16.68 4.27
C SER B 30 -6.92 15.64 5.43
N MET B 31 -6.16 15.87 6.48
CA MET B 31 -6.24 15.14 7.73
C MET B 31 -6.71 16.06 8.84
N ALA B 32 -7.22 17.25 8.45
CA ALA B 32 -7.85 18.14 9.44
C ALA B 32 -9.15 17.47 9.99
N GLY B 33 -9.39 17.60 11.29
CA GLY B 33 -10.47 16.86 11.89
C GLY B 33 -11.82 17.35 11.44
N LYS B 34 -12.68 16.36 11.14
CA LYS B 34 -14.01 16.54 10.53
C LYS B 34 -13.90 16.92 9.02
N ARG B 35 -12.69 16.98 8.48
CA ARG B 35 -12.52 17.18 7.03
C ARG B 35 -11.50 16.15 6.51
N GLU B 36 -11.61 14.94 6.95
CA GLU B 36 -10.66 13.84 6.54
C GLU B 36 -11.21 13.33 5.21
N MET B 37 -10.71 13.95 4.16
CA MET B 37 -11.32 13.83 2.77
C MET B 37 -10.28 14.04 1.71
N VAL B 38 -10.65 13.67 0.47
CA VAL B 38 -9.91 14.01 -0.73
C VAL B 38 -10.83 14.74 -1.67
N ILE B 39 -10.23 15.70 -2.38
CA ILE B 39 -10.89 16.51 -3.39
C ILE B 39 -10.08 16.37 -4.64
N ILE B 40 -10.77 16.07 -5.78
CA ILE B 40 -10.11 16.07 -7.08
C ILE B 40 -10.79 17.04 -8.01
N THR B 41 -9.99 17.56 -8.94
CA THR B 41 -10.58 18.40 -10.00
C THR B 41 -10.10 17.93 -11.34
N PHE B 42 -10.85 18.38 -12.40
CA PHE B 42 -10.47 18.09 -13.75
C PHE B 42 -10.46 19.40 -14.58
N LYS B 43 -9.72 19.38 -15.64
CA LYS B 43 -9.59 20.54 -16.53
C LYS B 43 -10.94 20.95 -17.08
N SER B 44 -11.87 20.05 -17.24
CA SER B 44 -13.22 20.37 -17.64
C SER B 44 -14.01 21.20 -16.64
N GLY B 45 -13.47 21.43 -15.45
CA GLY B 45 -14.05 22.29 -14.44
C GLY B 45 -14.76 21.61 -13.34
N GLU B 46 -14.86 20.28 -13.37
CA GLU B 46 -15.56 19.57 -12.33
C GLU B 46 -14.68 19.34 -11.10
N THR B 47 -15.34 19.42 -9.96
CA THR B 47 -14.74 19.10 -8.65
C THR B 47 -15.53 18.01 -7.98
N PHE B 48 -14.84 17.01 -7.43
CA PHE B 48 -15.49 15.96 -6.72
C PHE B 48 -14.83 15.61 -5.42
N GLN B 49 -15.58 15.12 -4.48
CA GLN B 49 -15.04 14.66 -3.22
C GLN B 49 -15.24 13.18 -2.97
N VAL B 50 -14.37 12.63 -2.10
CA VAL B 50 -14.65 11.48 -1.36
C VAL B 50 -15.05 12.06 -0.01
N GLU B 51 -16.29 11.75 0.41
CA GLU B 51 -16.84 12.30 1.64
C GLU B 51 -16.14 11.81 2.83
N VAL B 52 -16.11 12.66 3.88
CA VAL B 52 -15.76 12.20 5.17
C VAL B 52 -16.67 11.05 5.62
N PRO B 53 -16.13 10.01 6.28
CA PRO B 53 -16.97 8.90 6.75
C PRO B 53 -17.98 9.49 7.75
N GLY B 54 -19.23 9.05 7.68
CA GLY B 54 -20.29 9.63 8.45
C GLY B 54 -21.41 8.69 8.71
N SER B 55 -22.43 9.23 9.37
CA SER B 55 -23.54 8.35 9.85
C SER B 55 -24.41 7.89 8.67
N GLN B 56 -24.28 8.51 7.50
CA GLN B 56 -25.00 8.05 6.31
C GLN B 56 -24.38 6.76 5.71
N HIS B 57 -23.17 6.46 6.05
CA HIS B 57 -22.45 5.28 5.54
C HIS B 57 -22.76 4.08 6.34
N ILE B 58 -22.87 2.92 5.70
CA ILE B 58 -22.93 1.66 6.41
C ILE B 58 -21.54 1.09 6.61
N ASP B 59 -21.40 0.17 7.52
CA ASP B 59 -20.09 -0.28 7.97
C ASP B 59 -19.24 -0.85 6.81
N SER B 60 -19.90 -1.51 5.86
CA SER B 60 -19.18 -2.11 4.71
C SER B 60 -18.54 -1.04 3.87
N GLN B 61 -18.98 0.21 3.98
CA GLN B 61 -18.35 1.26 3.19
C GLN B 61 -17.05 1.83 3.77
N LYS B 62 -16.75 1.54 5.02
CA LYS B 62 -15.58 2.17 5.66
C LYS B 62 -14.29 1.75 4.93
N LYS B 63 -14.07 0.47 4.69
N LYS B 63 -14.06 0.47 4.67
CA LYS B 63 -12.85 0.06 3.96
CA LYS B 63 -12.86 0.05 3.90
C LYS B 63 -12.88 0.56 2.52
C LYS B 63 -12.89 0.61 2.50
N ALA B 64 -14.07 0.62 1.91
CA ALA B 64 -14.21 1.05 0.54
C ALA B 64 -13.93 2.50 0.32
N ILE B 65 -14.33 3.32 1.32
CA ILE B 65 -13.99 4.74 1.29
C ILE B 65 -12.46 4.91 1.28
N GLU B 66 -11.79 4.16 2.18
CA GLU B 66 -10.32 4.27 2.24
C GLU B 66 -9.65 3.81 0.93
N ARG B 67 -10.20 2.77 0.37
CA ARG B 67 -9.71 2.26 -0.94
C ARG B 67 -9.88 3.29 -2.00
N MET B 68 -11.05 3.93 -2.02
CA MET B 68 -11.27 4.95 -3.08
C MET B 68 -10.22 6.06 -3.05
N LYS B 69 -9.91 6.55 -1.85
CA LYS B 69 -8.89 7.54 -1.74
C LYS B 69 -7.54 7.05 -2.16
N ASP B 70 -7.23 5.80 -1.77
CA ASP B 70 -5.97 5.16 -2.26
C ASP B 70 -5.93 5.24 -3.80
N THR B 71 -7.04 4.82 -4.43
CA THR B 71 -7.10 4.78 -5.89
C THR B 71 -6.94 6.18 -6.51
N LEU B 72 -7.59 7.18 -5.93
CA LEU B 72 -7.49 8.52 -6.52
C LEU B 72 -6.07 9.04 -6.42
N ARG B 73 -5.33 8.76 -5.32
CA ARG B 73 -3.97 9.21 -5.20
C ARG B 73 -3.07 8.58 -6.26
N ILE B 74 -3.12 7.24 -6.38
N ILE B 74 -3.12 7.24 -6.38
CA ILE B 74 -2.25 6.60 -7.35
CA ILE B 74 -2.24 6.64 -7.34
C ILE B 74 -2.61 6.96 -8.80
C ILE B 74 -2.61 6.97 -8.80
N THR B 75 -3.89 7.12 -9.05
CA THR B 75 -4.39 7.53 -10.38
C THR B 75 -3.84 8.93 -10.73
N TYR B 76 -3.89 9.87 -9.76
CA TYR B 76 -3.36 11.23 -9.90
C TYR B 76 -1.86 11.15 -10.21
N LEU B 77 -1.11 10.40 -9.38
CA LEU B 77 0.35 10.40 -9.44
C LEU B 77 0.87 9.73 -10.73
N THR B 78 0.11 8.83 -11.32
CA THR B 78 0.46 8.11 -12.59
C THR B 78 -0.11 8.75 -13.83
N GLU B 79 -0.86 9.82 -13.64
CA GLU B 79 -1.57 10.47 -14.80
C GLU B 79 -2.47 9.52 -15.53
N THR B 80 -3.05 8.57 -14.82
CA THR B 80 -3.95 7.62 -15.42
C THR B 80 -5.28 8.30 -15.76
N LYS B 81 -5.80 8.03 -16.96
CA LYS B 81 -7.08 8.61 -17.36
C LYS B 81 -8.24 7.92 -16.65
N ILE B 82 -9.10 8.74 -16.10
CA ILE B 82 -10.38 8.31 -15.61
C ILE B 82 -11.44 8.38 -16.74
N ASP B 83 -12.16 7.33 -16.90
CA ASP B 83 -13.21 7.28 -17.88
C ASP B 83 -14.50 7.90 -17.32
N LYS B 84 -15.18 7.22 -16.40
CA LYS B 84 -16.42 7.68 -15.84
C LYS B 84 -16.30 7.78 -14.34
N LEU B 85 -17.08 8.69 -13.76
N LEU B 85 -17.09 8.69 -13.79
CA LEU B 85 -17.35 8.70 -12.32
CA LEU B 85 -17.44 8.66 -12.35
C LEU B 85 -18.88 8.60 -12.14
C LEU B 85 -18.94 8.56 -12.16
N CYS B 86 -19.35 7.76 -11.21
CA CYS B 86 -20.71 7.80 -10.68
C CYS B 86 -20.64 8.63 -9.41
N VAL B 87 -21.43 9.69 -9.34
CA VAL B 87 -21.36 10.61 -8.21
C VAL B 87 -22.74 10.83 -7.66
N TRP B 88 -22.80 11.05 -6.35
CA TRP B 88 -24.01 11.56 -5.69
C TRP B 88 -24.08 13.05 -5.85
N ASN B 89 -25.22 13.58 -6.33
CA ASN B 89 -25.36 14.97 -6.70
C ASN B 89 -26.17 15.70 -5.67
N ASN B 90 -26.39 15.10 -4.53
CA ASN B 90 -27.02 15.76 -3.37
C ASN B 90 -26.00 16.21 -2.29
N LYS B 91 -24.76 16.37 -2.76
CA LYS B 91 -23.65 16.89 -2.00
C LYS B 91 -22.86 17.85 -2.85
N THR B 92 -22.18 18.78 -2.18
CA THR B 92 -21.38 19.78 -2.79
C THR B 92 -19.98 19.78 -2.14
N PRO B 93 -18.94 19.53 -2.93
CA PRO B 93 -19.02 19.04 -4.32
C PRO B 93 -19.63 17.67 -4.40
N ASN B 94 -19.96 17.24 -5.61
CA ASN B 94 -20.56 16.00 -5.77
C ASN B 94 -19.60 14.88 -5.26
N SER B 95 -20.20 13.79 -4.77
CA SER B 95 -19.51 12.83 -3.93
C SER B 95 -19.31 11.57 -4.75
N ILE B 96 -18.09 11.04 -4.77
CA ILE B 96 -17.75 9.86 -5.58
C ILE B 96 -18.28 8.58 -5.03
N ALA B 97 -19.11 7.88 -5.86
CA ALA B 97 -19.59 6.57 -5.57
C ALA B 97 -18.82 5.46 -6.26
N ALA B 98 -18.41 5.73 -7.48
CA ALA B 98 -17.62 4.74 -8.28
C ALA B 98 -16.83 5.43 -9.34
N ILE B 99 -15.80 4.71 -9.79
N ILE B 99 -15.71 4.82 -9.73
CA ILE B 99 -14.86 5.20 -10.78
CA ILE B 99 -14.95 5.28 -10.90
C ILE B 99 -14.59 4.11 -11.78
C ILE B 99 -14.60 4.13 -11.79
N SER B 100 -14.36 4.46 -13.05
CA SER B 100 -13.88 3.51 -14.03
C SER B 100 -12.75 4.14 -14.84
N MET B 101 -11.91 3.26 -15.37
N MET B 101 -11.83 3.27 -15.30
CA MET B 101 -10.78 3.66 -16.19
CA MET B 101 -10.61 3.65 -16.03
C MET B 101 -10.61 2.58 -17.23
C MET B 101 -10.37 2.59 -17.13
N LYS B 102 -10.19 3.01 -18.40
CA LYS B 102 -9.95 2.08 -19.49
C LYS B 102 -8.66 2.41 -20.21
N ASN B 103 -8.11 1.38 -20.81
CA ASN B 103 -6.87 1.45 -21.43
C ASN B 103 -7.08 0.82 -22.80
N ALA C 1 -0.41 -28.46 -0.45
CA ALA C 1 -1.28 -27.40 -0.98
C ALA C 1 -1.11 -27.48 -2.51
N PRO C 2 -1.99 -26.80 -3.26
CA PRO C 2 -1.84 -26.84 -4.72
C PRO C 2 -0.66 -26.12 -5.19
N GLN C 3 -0.18 -26.50 -6.37
CA GLN C 3 1.01 -25.93 -6.92
C GLN C 3 0.78 -25.05 -8.11
N THR C 4 -0.47 -25.07 -8.63
CA THR C 4 -0.86 -24.25 -9.77
C THR C 4 -2.26 -23.70 -9.57
N ILE C 5 -2.59 -22.63 -10.31
CA ILE C 5 -3.92 -22.09 -10.20
C ILE C 5 -4.96 -23.12 -10.68
N THR C 6 -4.62 -23.96 -11.68
CA THR C 6 -5.59 -24.93 -12.17
C THR C 6 -5.85 -26.00 -11.11
N GLU C 7 -4.79 -26.50 -10.45
CA GLU C 7 -4.99 -27.46 -9.37
C GLU C 7 -5.88 -26.91 -8.32
N LEU C 8 -5.62 -25.64 -7.90
CA LEU C 8 -6.40 -24.98 -6.90
C LEU C 8 -7.88 -24.84 -7.27
N CYS C 9 -8.11 -24.35 -8.49
CA CYS C 9 -9.43 -24.09 -8.96
C CYS C 9 -10.26 -25.34 -9.01
N SER C 10 -9.62 -26.46 -9.38
CA SER C 10 -10.27 -27.73 -9.44
C SER C 10 -10.72 -28.25 -8.07
N GLU C 11 -10.24 -27.67 -6.96
CA GLU C 11 -10.69 -28.06 -5.64
C GLU C 11 -12.10 -27.57 -5.31
N TYR C 12 -12.74 -26.77 -6.17
CA TYR C 12 -13.98 -26.11 -5.81
C TYR C 12 -15.07 -26.50 -6.81
N HIS C 13 -16.31 -26.54 -6.32
CA HIS C 13 -17.46 -26.62 -7.23
C HIS C 13 -17.74 -25.24 -7.86
N ASN C 14 -18.42 -25.26 -8.96
CA ASN C 14 -18.86 -24.05 -9.66
C ASN C 14 -17.71 -23.14 -10.13
N THR C 15 -16.55 -23.70 -10.46
CA THR C 15 -15.46 -22.86 -10.91
C THR C 15 -15.04 -23.25 -12.30
N GLN C 16 -14.27 -22.35 -12.93
CA GLN C 16 -13.65 -22.62 -14.16
C GLN C 16 -12.43 -21.74 -14.36
N ILE C 17 -11.51 -22.22 -15.16
CA ILE C 17 -10.33 -21.39 -15.58
C ILE C 17 -10.61 -20.71 -16.88
N TYR C 18 -10.43 -19.38 -16.93
CA TYR C 18 -10.35 -18.58 -18.12
C TYR C 18 -8.86 -18.35 -18.40
N THR C 19 -8.38 -18.64 -19.60
CA THR C 19 -6.98 -18.33 -19.94
C THR C 19 -7.04 -17.07 -20.75
N ILE C 20 -6.77 -15.97 -20.10
CA ILE C 20 -6.91 -14.64 -20.68
C ILE C 20 -5.64 -14.20 -21.48
N ASN C 21 -4.44 -14.34 -20.91
CA ASN C 21 -3.21 -13.92 -21.58
C ASN C 21 -3.31 -12.53 -22.16
N ASP C 22 -3.71 -11.57 -21.30
CA ASP C 22 -3.87 -10.17 -21.75
C ASP C 22 -3.92 -9.26 -20.53
N LYS C 23 -3.61 -8.02 -20.78
CA LYS C 23 -3.78 -6.98 -19.79
C LYS C 23 -5.28 -6.66 -19.63
N ILE C 24 -5.60 -6.07 -18.48
CA ILE C 24 -6.94 -5.67 -18.19
C ILE C 24 -7.27 -4.44 -19.12
N LEU C 25 -8.46 -4.54 -19.74
CA LEU C 25 -8.98 -3.42 -20.56
C LEU C 25 -9.55 -2.31 -19.68
N SER C 26 -10.41 -2.66 -18.74
CA SER C 26 -11.08 -1.64 -17.90
C SER C 26 -11.11 -2.12 -16.43
N TYR C 27 -11.07 -1.14 -15.53
CA TYR C 27 -11.10 -1.34 -14.08
C TYR C 27 -12.17 -0.39 -13.54
N THR C 28 -13.10 -0.94 -12.78
CA THR C 28 -14.15 -0.21 -12.19
C THR C 28 -14.17 -0.54 -10.68
N GLU C 29 -14.31 0.50 -9.85
CA GLU C 29 -14.27 0.35 -8.42
C GLU C 29 -15.47 1.15 -7.83
N SER C 30 -16.20 0.51 -6.94
CA SER C 30 -17.32 1.15 -6.30
C SER C 30 -17.20 1.08 -4.80
N MET C 31 -17.52 2.22 -4.17
CA MET C 31 -17.74 2.30 -2.73
C MET C 31 -19.19 2.61 -2.36
N ALA C 32 -20.09 2.43 -3.32
CA ALA C 32 -21.55 2.59 -3.05
C ALA C 32 -21.97 1.45 -2.13
N GLY C 33 -22.92 1.74 -1.21
CA GLY C 33 -23.27 0.82 -0.22
C GLY C 33 -23.97 -0.43 -0.73
N LYS C 34 -23.50 -1.60 -0.31
CA LYS C 34 -23.92 -2.90 -0.80
C LYS C 34 -23.40 -3.18 -2.21
N ARG C 35 -22.55 -2.29 -2.78
CA ARG C 35 -21.86 -2.60 -4.03
C ARG C 35 -20.39 -2.24 -3.89
N GLU C 36 -19.82 -2.63 -2.75
CA GLU C 36 -18.38 -2.37 -2.51
C GLU C 36 -17.63 -3.47 -3.23
N MET C 37 -17.26 -3.18 -4.48
CA MET C 37 -16.79 -4.21 -5.40
C MET C 37 -15.85 -3.60 -6.47
N VAL C 38 -15.18 -4.52 -7.19
CA VAL C 38 -14.42 -4.17 -8.35
C VAL C 38 -14.90 -5.03 -9.54
N ILE C 39 -14.88 -4.44 -10.72
CA ILE C 39 -15.23 -5.10 -11.95
C ILE C 39 -14.14 -4.85 -12.96
N ILE C 40 -13.65 -5.92 -13.58
CA ILE C 40 -12.64 -5.80 -14.62
C ILE C 40 -13.18 -6.39 -15.92
N THR C 41 -12.67 -5.85 -17.01
CA THR C 41 -13.07 -6.40 -18.33
C THR C 41 -11.77 -6.60 -19.16
N PHE C 42 -11.90 -7.46 -20.17
CA PHE C 42 -10.89 -7.73 -21.16
C PHE C 42 -11.41 -7.48 -22.57
N LYS C 43 -10.50 -7.19 -23.50
CA LYS C 43 -10.91 -6.87 -24.87
C LYS C 43 -11.56 -8.10 -25.52
N SER C 44 -11.23 -9.30 -25.09
CA SER C 44 -11.96 -10.53 -25.56
C SER C 44 -13.43 -10.59 -25.23
N GLY C 45 -13.89 -9.71 -24.33
CA GLY C 45 -15.28 -9.56 -23.95
C GLY C 45 -15.64 -9.97 -22.55
N GLU C 46 -14.77 -10.62 -21.83
CA GLU C 46 -15.10 -11.11 -20.55
C GLU C 46 -15.19 -9.99 -19.53
N THR C 47 -16.08 -10.18 -18.57
CA THR C 47 -16.26 -9.24 -17.46
C THR C 47 -16.22 -10.10 -16.21
N PHE C 48 -15.45 -9.69 -15.19
CA PHE C 48 -15.41 -10.42 -13.90
C PHE C 48 -15.49 -9.47 -12.73
N GLN C 49 -15.94 -10.00 -11.60
CA GLN C 49 -16.05 -9.16 -10.43
C GLN C 49 -15.26 -9.76 -9.32
N VAL C 50 -14.82 -8.90 -8.40
CA VAL C 50 -14.59 -9.31 -7.00
C VAL C 50 -15.86 -8.97 -6.24
N GLU C 51 -16.46 -9.99 -5.67
CA GLU C 51 -17.78 -9.85 -5.03
C GLU C 51 -17.65 -8.95 -3.80
N VAL C 52 -18.78 -8.34 -3.50
CA VAL C 52 -19.00 -7.70 -2.22
C VAL C 52 -18.83 -8.70 -1.10
N PRO C 53 -18.13 -8.33 -0.04
CA PRO C 53 -17.95 -9.32 0.99
C PRO C 53 -19.34 -9.67 1.57
N GLY C 54 -19.55 -10.92 1.87
CA GLY C 54 -20.86 -11.37 2.34
C GLY C 54 -20.79 -12.57 3.17
N SER C 55 -21.98 -13.11 3.46
CA SER C 55 -22.02 -14.20 4.40
C SER C 55 -21.51 -15.50 3.91
N GLN C 56 -21.37 -15.62 2.60
CA GLN C 56 -20.68 -16.79 1.99
C GLN C 56 -19.16 -16.76 2.17
N HIS C 57 -18.62 -15.66 2.67
CA HIS C 57 -17.15 -15.55 2.84
C HIS C 57 -16.80 -15.90 4.28
N ILE C 58 -15.81 -16.77 4.46
CA ILE C 58 -15.32 -17.09 5.77
C ILE C 58 -14.36 -16.02 6.22
N ASP C 59 -14.05 -16.02 7.52
CA ASP C 59 -13.27 -14.93 8.06
C ASP C 59 -11.91 -14.82 7.41
N SER C 60 -11.28 -15.95 7.15
CA SER C 60 -9.95 -15.98 6.50
C SER C 60 -9.93 -15.32 5.08
N GLN C 61 -11.11 -15.21 4.50
CA GLN C 61 -11.22 -14.57 3.16
C GLN C 61 -11.26 -13.07 3.22
N LYS C 62 -11.60 -12.41 4.36
CA LYS C 62 -11.78 -11.00 4.34
C LYS C 62 -10.52 -10.25 3.91
N LYS C 63 -9.36 -10.57 4.50
CA LYS C 63 -8.14 -9.93 4.00
C LYS C 63 -7.84 -10.27 2.55
N ALA C 64 -8.12 -11.51 2.17
CA ALA C 64 -7.74 -11.98 0.85
C ALA C 64 -8.58 -11.24 -0.20
N ILE C 65 -9.85 -11.00 0.14
CA ILE C 65 -10.70 -10.21 -0.80
C ILE C 65 -10.08 -8.80 -1.08
N GLU C 66 -9.62 -8.15 0.03
CA GLU C 66 -9.05 -6.86 -0.08
C GLU C 66 -7.74 -6.92 -0.86
N ARG C 67 -6.95 -7.96 -0.61
CA ARG C 67 -5.69 -8.17 -1.38
C ARG C 67 -5.99 -8.32 -2.87
N MET C 68 -7.04 -9.07 -3.22
CA MET C 68 -7.30 -9.31 -4.67
C MET C 68 -7.63 -7.99 -5.34
N LYS C 69 -8.46 -7.16 -4.70
CA LYS C 69 -8.75 -5.88 -5.25
C LYS C 69 -7.51 -5.02 -5.40
N ASP C 70 -6.62 -5.00 -4.39
CA ASP C 70 -5.31 -4.38 -4.51
C ASP C 70 -4.56 -4.86 -5.74
N THR C 71 -4.50 -6.16 -5.89
CA THR C 71 -3.82 -6.74 -7.02
C THR C 71 -4.38 -6.34 -8.35
N LEU C 72 -5.70 -6.30 -8.45
CA LEU C 72 -6.31 -5.92 -9.73
C LEU C 72 -6.02 -4.50 -10.08
N ARG C 73 -5.99 -3.60 -9.10
CA ARG C 73 -5.74 -2.21 -9.39
C ARG C 73 -4.33 -2.01 -9.89
N ILE C 74 -3.34 -2.61 -9.21
CA ILE C 74 -1.93 -2.39 -9.64
C ILE C 74 -1.63 -3.13 -10.96
N THR C 75 -2.30 -4.25 -11.18
CA THR C 75 -2.13 -4.99 -12.45
C THR C 75 -2.65 -4.09 -13.56
N TYR C 76 -3.82 -3.52 -13.33
CA TYR C 76 -4.39 -2.59 -14.33
C TYR C 76 -3.49 -1.43 -14.64
N LEU C 77 -3.03 -0.75 -13.61
CA LEU C 77 -2.26 0.47 -13.83
C LEU C 77 -0.93 0.20 -14.46
N THR C 78 -0.32 -0.98 -14.26
CA THR C 78 0.98 -1.31 -14.82
C THR C 78 0.85 -2.04 -16.16
N GLU C 79 -0.37 -2.25 -16.61
N GLU C 79 -0.35 -2.25 -16.64
CA GLU C 79 -0.65 -3.00 -17.85
CA GLU C 79 -0.58 -3.01 -17.90
C GLU C 79 0.06 -4.34 -17.83
C GLU C 79 -0.02 -4.42 -17.88
N THR C 80 0.02 -5.02 -16.68
CA THR C 80 0.57 -6.35 -16.53
C THR C 80 -0.39 -7.36 -17.13
N LYS C 81 0.18 -8.31 -17.88
CA LYS C 81 -0.70 -9.35 -18.43
C LYS C 81 -1.14 -10.40 -17.40
N ILE C 82 -2.41 -10.69 -17.37
CA ILE C 82 -2.99 -11.76 -16.60
C ILE C 82 -2.95 -13.02 -17.42
N ASP C 83 -2.47 -14.11 -16.84
CA ASP C 83 -2.51 -15.36 -17.59
C ASP C 83 -3.84 -16.03 -17.44
N LYS C 84 -4.12 -16.53 -16.23
CA LYS C 84 -5.36 -17.24 -15.95
C LYS C 84 -6.13 -16.59 -14.80
N LEU C 85 -7.46 -16.74 -14.87
N LEU C 85 -7.45 -16.78 -14.85
CA LEU C 85 -8.32 -16.52 -13.71
CA LEU C 85 -8.33 -16.44 -13.74
C LEU C 85 -9.10 -17.78 -13.43
C LEU C 85 -9.15 -17.70 -13.42
N CYS C 86 -9.22 -18.09 -12.14
CA CYS C 86 -10.16 -19.07 -11.67
C CYS C 86 -11.35 -18.30 -11.19
N VAL C 87 -12.53 -18.59 -11.74
CA VAL C 87 -13.74 -17.88 -11.37
C VAL C 87 -14.87 -18.83 -10.98
N TRP C 88 -15.78 -18.32 -10.14
CA TRP C 88 -17.07 -18.97 -9.89
C TRP C 88 -18.04 -18.53 -10.92
N ASN C 89 -18.75 -19.53 -11.46
CA ASN C 89 -19.72 -19.26 -12.57
C ASN C 89 -21.14 -19.46 -12.09
N ASN C 90 -21.32 -19.45 -10.76
CA ASN C 90 -22.67 -19.28 -10.18
C ASN C 90 -22.97 -17.85 -9.71
N LYS C 91 -22.27 -16.85 -10.28
CA LYS C 91 -22.48 -15.46 -10.08
C LYS C 91 -22.29 -14.82 -11.44
N THR C 92 -23.01 -13.73 -11.65
N THR C 92 -23.05 -13.74 -11.64
CA THR C 92 -22.86 -12.94 -12.87
CA THR C 92 -22.87 -12.82 -12.79
C THR C 92 -22.62 -11.46 -12.48
C THR C 92 -22.56 -11.41 -12.36
N PRO C 93 -21.51 -10.82 -12.94
CA PRO C 93 -20.40 -11.41 -13.69
C PRO C 93 -19.75 -12.51 -12.87
N ASN C 94 -19.08 -13.43 -13.56
CA ASN C 94 -18.39 -14.48 -12.87
C ASN C 94 -17.36 -13.84 -11.86
N SER C 95 -17.22 -14.54 -10.75
CA SER C 95 -16.56 -13.98 -9.55
C SER C 95 -15.15 -14.55 -9.41
N ILE C 96 -14.15 -13.65 -9.18
CA ILE C 96 -12.76 -14.06 -9.11
C ILE C 96 -12.43 -14.84 -7.80
N ALA C 97 -11.92 -16.04 -7.95
CA ALA C 97 -11.36 -16.82 -6.88
C ALA C 97 -9.84 -16.70 -6.83
N ALA C 98 -9.17 -16.72 -7.97
CA ALA C 98 -7.72 -16.63 -8.06
C ALA C 98 -7.27 -16.11 -9.39
N ILE C 99 -6.04 -15.60 -9.38
CA ILE C 99 -5.41 -15.06 -10.55
CA ILE C 99 -5.42 -15.10 -10.59
C ILE C 99 -3.98 -15.56 -10.70
N SER C 100 -3.51 -15.67 -11.92
CA SER C 100 -2.10 -15.99 -12.18
C SER C 100 -1.56 -15.06 -13.23
N MET C 101 -0.24 -14.84 -13.17
CA MET C 101 0.47 -13.96 -14.10
CA MET C 101 0.51 -13.96 -14.09
C MET C 101 1.87 -14.55 -14.29
N LYS C 102 2.36 -14.56 -15.52
CA LYS C 102 3.67 -15.03 -15.79
C LYS C 102 4.39 -14.05 -16.69
N ASN C 103 5.72 -14.14 -16.60
CA ASN C 103 6.60 -13.21 -17.23
C ASN C 103 7.67 -14.08 -17.87
N ALA D 1 20.25 -10.32 17.27
CA ALA D 1 19.38 -10.90 16.21
C ALA D 1 20.32 -11.36 15.10
N PRO D 2 19.80 -12.15 14.14
CA PRO D 2 20.61 -12.62 13.05
C PRO D 2 20.97 -11.47 12.13
N GLN D 3 22.06 -11.63 11.39
CA GLN D 3 22.54 -10.59 10.45
C GLN D 3 22.43 -10.92 9.00
N THR D 4 22.04 -12.19 8.73
CA THR D 4 21.86 -12.67 7.38
C THR D 4 20.71 -13.63 7.34
N ILE D 5 20.20 -13.85 6.13
CA ILE D 5 19.11 -14.83 5.92
C ILE D 5 19.56 -16.26 6.28
N THR D 6 20.82 -16.60 6.00
CA THR D 6 21.26 -17.97 6.28
C THR D 6 21.38 -18.19 7.76
N GLU D 7 21.91 -17.19 8.48
CA GLU D 7 21.90 -17.29 9.94
C GLU D 7 20.52 -17.49 10.57
N LEU D 8 19.60 -16.64 10.10
CA LEU D 8 18.20 -16.71 10.55
C LEU D 8 17.55 -18.05 10.21
N CYS D 9 17.78 -18.54 9.02
CA CYS D 9 17.17 -19.78 8.54
C CYS D 9 17.66 -20.99 9.42
N SER D 10 18.91 -20.92 9.83
CA SER D 10 19.47 -21.96 10.69
C SER D 10 18.88 -22.04 12.07
N GLU D 11 18.09 -21.05 12.49
CA GLU D 11 17.46 -21.09 13.80
C GLU D 11 16.19 -21.88 13.87
N TYR D 12 15.84 -22.58 12.77
CA TYR D 12 14.59 -23.27 12.64
C TYR D 12 14.81 -24.71 12.13
N HIS D 13 14.01 -25.61 12.69
CA HIS D 13 13.88 -26.98 12.14
C HIS D 13 13.13 -26.95 10.80
N ASN D 14 13.42 -27.94 9.96
CA ASN D 14 12.65 -28.21 8.74
C ASN D 14 12.85 -27.03 7.72
N THR D 15 14.01 -26.35 7.73
CA THR D 15 14.33 -25.34 6.73
C THR D 15 15.52 -25.66 5.86
N GLN D 16 15.57 -24.95 4.76
CA GLN D 16 16.71 -24.90 3.91
C GLN D 16 16.78 -23.65 3.10
N ILE D 17 17.97 -23.27 2.69
CA ILE D 17 18.19 -22.12 1.84
C ILE D 17 18.15 -22.58 0.42
N TYR D 18 17.45 -21.84 -0.42
CA TYR D 18 17.56 -21.87 -1.86
C TYR D 18 18.20 -20.66 -2.38
N THR D 19 19.26 -20.81 -3.18
CA THR D 19 19.91 -19.68 -3.82
C THR D 19 19.24 -19.58 -5.15
N ILE D 20 18.40 -18.55 -5.31
CA ILE D 20 17.59 -18.40 -6.51
C ILE D 20 18.30 -17.53 -7.56
N ASN D 21 18.78 -16.36 -7.16
CA ASN D 21 19.41 -15.44 -8.06
C ASN D 21 18.69 -15.29 -9.39
N ASP D 22 17.39 -14.95 -9.28
CA ASP D 22 16.56 -14.81 -10.46
C ASP D 22 15.28 -14.05 -10.07
N LYS D 23 14.61 -13.52 -11.09
CA LYS D 23 13.29 -12.95 -10.94
C LYS D 23 12.28 -14.07 -10.89
N ILE D 24 11.11 -13.74 -10.37
CA ILE D 24 9.98 -14.64 -10.31
C ILE D 24 9.43 -14.86 -11.73
N LEU D 25 9.19 -16.14 -12.06
CA LEU D 25 8.57 -16.54 -13.35
C LEU D 25 7.05 -16.36 -13.34
N SER D 26 6.41 -16.86 -12.31
CA SER D 26 4.95 -16.73 -12.23
C SER D 26 4.56 -16.39 -10.81
N TYR D 27 3.44 -15.70 -10.70
CA TYR D 27 2.78 -15.28 -9.43
C TYR D 27 1.30 -15.69 -9.52
N THR D 28 0.87 -16.39 -8.50
CA THR D 28 -0.52 -16.89 -8.39
C THR D 28 -1.05 -16.48 -7.00
N GLU D 29 -2.25 -15.90 -6.95
CA GLU D 29 -2.85 -15.43 -5.69
C GLU D 29 -4.31 -15.93 -5.69
N SER D 30 -4.67 -16.46 -4.53
CA SER D 30 -6.01 -17.05 -4.35
C SER D 30 -6.67 -16.42 -3.19
N MET D 31 -7.94 -16.07 -3.37
CA MET D 31 -8.81 -15.67 -2.26
C MET D 31 -9.90 -16.74 -2.00
N ALA D 32 -9.73 -17.90 -2.61
CA ALA D 32 -10.75 -18.99 -2.44
C ALA D 32 -10.61 -19.47 -0.93
N GLY D 33 -11.74 -19.80 -0.35
CA GLY D 33 -11.80 -20.12 1.09
C GLY D 33 -11.05 -21.40 1.40
N LYS D 34 -10.18 -21.30 2.41
CA LYS D 34 -9.23 -22.30 2.82
C LYS D 34 -8.02 -22.45 1.89
N ARG D 35 -7.91 -21.57 0.89
CA ARG D 35 -6.79 -21.54 -0.01
C ARG D 35 -6.33 -20.09 -0.23
N GLU D 36 -6.33 -19.33 0.81
CA GLU D 36 -5.98 -17.89 0.79
C GLU D 36 -4.45 -17.82 0.87
N MET D 37 -3.82 -17.90 -0.30
CA MET D 37 -2.40 -18.20 -0.41
C MET D 37 -1.82 -17.56 -1.69
N VAL D 38 -0.51 -17.52 -1.73
CA VAL D 38 0.26 -17.07 -2.90
C VAL D 38 1.22 -18.18 -3.27
N ILE D 39 1.38 -18.41 -4.58
CA ILE D 39 2.30 -19.40 -5.12
C ILE D 39 3.18 -18.69 -6.10
N ILE D 40 4.50 -18.89 -6.00
CA ILE D 40 5.42 -18.39 -6.97
C ILE D 40 6.24 -19.54 -7.62
N THR D 41 6.66 -19.30 -8.85
CA THR D 41 7.53 -20.23 -9.51
C THR D 41 8.73 -19.50 -10.13
N PHE D 42 9.77 -20.33 -10.43
CA PHE D 42 10.97 -19.87 -11.05
C PHE D 42 11.29 -20.72 -12.28
N LYS D 43 12.07 -20.17 -13.20
CA LYS D 43 12.36 -20.89 -14.45
C LYS D 43 13.27 -22.08 -14.14
N SER D 44 13.91 -22.09 -12.99
CA SER D 44 14.64 -23.26 -12.43
C SER D 44 13.72 -24.48 -12.23
N GLY D 45 12.38 -24.29 -12.14
CA GLY D 45 11.45 -25.34 -11.94
C GLY D 45 10.86 -25.38 -10.53
N GLU D 46 11.42 -24.61 -9.59
CA GLU D 46 10.96 -24.66 -8.23
C GLU D 46 9.62 -23.85 -8.10
N THR D 47 8.78 -24.34 -7.17
CA THR D 47 7.52 -23.71 -6.80
C THR D 47 7.55 -23.52 -5.28
N PHE D 48 7.09 -22.36 -4.79
CA PHE D 48 7.04 -22.05 -3.42
C PHE D 48 5.70 -21.37 -3.06
N GLN D 49 5.25 -21.54 -1.83
CA GLN D 49 4.04 -20.90 -1.35
C GLN D 49 4.32 -20.00 -0.14
N VAL D 50 3.42 -19.01 0.05
CA VAL D 50 3.19 -18.50 1.38
C VAL D 50 1.93 -19.21 1.85
N GLU D 51 2.02 -19.96 2.96
CA GLU D 51 0.93 -20.76 3.39
C GLU D 51 -0.28 -20.00 3.84
N VAL D 52 -1.43 -20.66 3.76
CA VAL D 52 -2.57 -20.23 4.42
C VAL D 52 -2.31 -20.07 5.92
N PRO D 53 -2.80 -19.00 6.54
CA PRO D 53 -2.64 -18.90 8.01
C PRO D 53 -3.32 -20.09 8.72
N GLY D 54 -2.62 -20.72 9.63
CA GLY D 54 -3.15 -21.83 10.38
C GLY D 54 -2.69 -21.89 11.78
N SER D 55 -3.01 -23.00 12.43
CA SER D 55 -2.77 -23.14 13.86
C SER D 55 -1.29 -23.24 14.25
N GLN D 56 -0.43 -23.54 13.32
CA GLN D 56 0.98 -23.54 13.58
C GLN D 56 1.56 -22.12 13.72
N HIS D 57 0.88 -21.16 13.11
CA HIS D 57 1.36 -19.76 13.18
C HIS D 57 1.12 -19.14 14.50
N ILE D 58 2.04 -18.28 14.96
CA ILE D 58 1.80 -17.51 16.16
C ILE D 58 1.31 -16.11 15.84
N ASP D 59 0.73 -15.44 16.80
CA ASP D 59 0.08 -14.14 16.52
C ASP D 59 0.99 -13.10 15.87
N SER D 60 2.25 -13.09 16.28
CA SER D 60 3.23 -12.18 15.66
C SER D 60 3.51 -12.46 14.21
N GLN D 61 3.15 -13.62 13.68
CA GLN D 61 3.37 -13.88 12.25
C GLN D 61 2.23 -13.34 11.37
N LYS D 62 1.08 -12.96 11.92
CA LYS D 62 -0.09 -12.63 11.11
C LYS D 62 0.23 -11.42 10.21
N LYS D 63 0.76 -10.35 10.77
CA LYS D 63 1.14 -9.22 9.89
C LYS D 63 2.28 -9.59 8.95
N ALA D 64 3.22 -10.40 9.42
CA ALA D 64 4.39 -10.76 8.60
C ALA D 64 3.99 -11.61 7.39
N ILE D 65 3.00 -12.48 7.57
CA ILE D 65 2.47 -13.30 6.43
C ILE D 65 1.91 -12.41 5.35
N GLU D 66 1.16 -11.42 5.78
CA GLU D 66 0.60 -10.47 4.81
C GLU D 66 1.67 -9.62 4.14
N ARG D 67 2.66 -9.20 4.92
CA ARG D 67 3.79 -8.43 4.37
C ARG D 67 4.51 -9.26 3.31
N MET D 68 4.77 -10.56 3.61
CA MET D 68 5.51 -11.39 2.65
C MET D 68 4.77 -11.52 1.32
N LYS D 69 3.45 -11.69 1.36
CA LYS D 69 2.66 -11.68 0.14
C LYS D 69 2.74 -10.35 -0.59
N ASP D 70 2.69 -9.25 0.15
CA ASP D 70 2.93 -7.95 -0.47
C ASP D 70 4.27 -7.83 -1.17
N THR D 71 5.34 -8.29 -0.52
CA THR D 71 6.69 -8.26 -1.09
C THR D 71 6.74 -9.14 -2.35
N LEU D 72 6.10 -10.33 -2.33
CA LEU D 72 6.22 -11.18 -3.54
C LEU D 72 5.50 -10.52 -4.70
N ARG D 73 4.33 -9.92 -4.48
CA ARG D 73 3.66 -9.25 -5.57
C ARG D 73 4.48 -8.15 -6.21
N ILE D 74 5.00 -7.27 -5.37
CA ILE D 74 5.78 -6.17 -5.97
C ILE D 74 7.11 -6.61 -6.59
N THR D 75 7.73 -7.62 -6.01
CA THR D 75 8.93 -8.26 -6.55
C THR D 75 8.60 -8.78 -7.93
N TYR D 76 7.49 -9.52 -8.05
CA TYR D 76 7.09 -10.07 -9.36
C TYR D 76 6.84 -8.99 -10.37
N LEU D 77 6.10 -7.94 -9.96
CA LEU D 77 5.70 -6.92 -10.93
C LEU D 77 6.91 -6.09 -11.42
N THR D 78 7.90 -5.87 -10.60
CA THR D 78 9.05 -5.10 -10.94
C THR D 78 10.20 -5.95 -11.51
N GLU D 79 10.01 -7.24 -11.65
CA GLU D 79 11.07 -8.19 -12.10
C GLU D 79 12.33 -8.07 -11.26
N THR D 80 12.18 -7.80 -9.97
CA THR D 80 13.26 -7.72 -9.08
C THR D 80 13.89 -9.14 -8.86
N LYS D 81 15.21 -9.21 -8.94
N LYS D 81 15.21 -9.23 -8.96
CA LYS D 81 15.91 -10.45 -8.70
CA LYS D 81 15.86 -10.48 -8.67
C LYS D 81 15.91 -10.85 -7.21
C LYS D 81 15.82 -10.84 -7.19
N ILE D 82 15.47 -12.08 -6.92
CA ILE D 82 15.55 -12.65 -5.57
C ILE D 82 16.93 -13.30 -5.44
N ASP D 83 17.57 -13.12 -4.28
N ASP D 83 17.60 -13.02 -4.32
CA ASP D 83 18.82 -13.78 -4.07
CA ASP D 83 18.88 -13.64 -3.98
C ASP D 83 18.53 -15.12 -3.42
C ASP D 83 18.59 -15.03 -3.42
N LYS D 84 18.10 -15.14 -2.16
CA LYS D 84 17.84 -16.40 -1.47
C LYS D 84 16.43 -16.45 -0.93
N LEU D 85 15.94 -17.68 -0.72
CA LEU D 85 14.75 -17.94 0.05
C LEU D 85 15.10 -18.89 1.17
N CYS D 86 14.69 -18.61 2.39
CA CYS D 86 14.64 -19.59 3.44
C CYS D 86 13.28 -20.21 3.40
N VAL D 87 13.20 -21.54 3.19
CA VAL D 87 11.92 -22.21 3.12
C VAL D 87 11.82 -23.36 4.15
N TRP D 88 10.59 -23.62 4.55
CA TRP D 88 10.21 -24.83 5.27
C TRP D 88 10.00 -25.90 4.24
N ASN D 89 10.78 -26.98 4.39
CA ASN D 89 10.74 -28.07 3.42
C ASN D 89 9.84 -29.26 3.86
N ASN D 90 9.03 -29.11 4.87
CA ASN D 90 8.06 -30.08 5.27
C ASN D 90 6.65 -29.80 4.79
N LYS D 91 6.60 -29.00 3.72
CA LYS D 91 5.35 -28.61 3.03
C LYS D 91 5.57 -28.66 1.59
N THR D 92 4.49 -28.95 0.84
CA THR D 92 4.53 -28.96 -0.59
C THR D 92 3.46 -28.03 -1.12
N PRO D 93 3.81 -27.06 -1.96
CA PRO D 93 5.19 -26.63 -2.25
C PRO D 93 5.90 -26.12 -0.97
N ASN D 94 7.21 -26.05 -1.03
CA ASN D 94 7.97 -25.61 0.16
C ASN D 94 7.43 -24.17 0.50
N SER D 95 7.49 -23.83 1.78
CA SER D 95 6.83 -22.70 2.37
C SER D 95 7.80 -21.61 2.75
N ILE D 96 7.55 -20.36 2.29
CA ILE D 96 8.54 -19.29 2.44
C ILE D 96 8.56 -18.78 3.84
N ALA D 97 9.74 -18.81 4.45
CA ALA D 97 10.03 -18.17 5.74
C ALA D 97 10.71 -16.81 5.62
N ALA D 98 11.62 -16.67 4.68
CA ALA D 98 12.30 -15.42 4.51
C ALA D 98 12.80 -15.28 3.14
N ILE D 99 12.97 -14.02 2.74
CA ILE D 99 13.47 -13.67 1.40
C ILE D 99 14.64 -12.68 1.56
N SER D 100 15.63 -12.75 0.66
CA SER D 100 16.67 -11.74 0.53
C SER D 100 16.79 -11.33 -0.94
N MET D 101 17.22 -10.10 -1.14
CA MET D 101 17.48 -9.55 -2.48
CA MET D 101 17.41 -9.45 -2.48
C MET D 101 18.66 -8.60 -2.39
N LYS D 102 19.48 -8.58 -3.43
CA LYS D 102 20.66 -7.70 -3.46
C LYS D 102 20.81 -7.09 -4.78
N ASN D 103 21.42 -5.92 -4.83
CA ASN D 103 21.66 -5.28 -6.11
C ASN D 103 23.03 -4.69 -5.92
N ALA E 1 8.51 20.00 18.26
CA ALA E 1 9.05 18.68 17.77
C ALA E 1 10.39 18.93 17.11
N PRO E 2 11.18 17.83 16.94
CA PRO E 2 12.44 18.03 16.27
C PRO E 2 12.26 18.40 14.80
N GLN E 3 13.24 19.09 14.25
CA GLN E 3 13.25 19.53 12.89
C GLN E 3 14.16 18.76 11.95
N THR E 4 15.00 17.86 12.45
CA THR E 4 15.87 17.10 11.67
C THR E 4 16.03 15.73 12.33
N ILE E 5 16.50 14.80 11.54
CA ILE E 5 16.83 13.45 12.07
C ILE E 5 17.87 13.53 13.20
N THR E 6 18.82 14.40 13.11
CA THR E 6 19.88 14.51 14.17
C THR E 6 19.26 15.00 15.47
N GLU E 7 18.48 16.07 15.40
CA GLU E 7 17.78 16.59 16.58
C GLU E 7 16.95 15.49 17.25
N LEU E 8 16.20 14.73 16.42
CA LEU E 8 15.40 13.66 16.94
C LEU E 8 16.21 12.58 17.61
N CYS E 9 17.30 12.17 16.97
CA CYS E 9 18.10 11.05 17.42
C CYS E 9 18.72 11.41 18.76
N SER E 10 19.06 12.68 18.96
CA SER E 10 19.68 13.18 20.20
C SER E 10 18.76 13.11 21.42
N GLU E 11 17.44 12.92 21.22
CA GLU E 11 16.47 12.80 22.25
C GLU E 11 16.42 11.46 22.93
N TYR E 12 17.31 10.56 22.57
CA TYR E 12 17.25 9.15 23.03
C TYR E 12 18.63 8.71 23.53
N HIS E 13 18.64 7.91 24.60
CA HIS E 13 19.86 7.26 24.98
C HIS E 13 20.19 6.16 24.04
N ASN E 14 21.43 5.82 23.95
CA ASN E 14 21.87 4.64 23.18
C ASN E 14 21.68 4.69 21.67
N THR E 15 21.67 5.92 21.13
CA THR E 15 21.58 6.11 19.71
C THR E 15 22.80 6.80 19.14
N GLN E 16 22.93 6.67 17.85
CA GLN E 16 23.89 7.40 17.07
C GLN E 16 23.34 7.61 15.68
N ILE E 17 23.84 8.65 15.02
CA ILE E 17 23.59 8.90 13.62
C ILE E 17 24.67 8.22 12.80
N TYR E 18 24.25 7.41 11.81
CA TYR E 18 25.14 6.94 10.77
C TYR E 18 24.90 7.76 9.50
N THR E 19 25.94 8.26 8.89
CA THR E 19 25.85 8.95 7.60
C THR E 19 26.07 7.94 6.52
N ILE E 20 25.06 7.66 5.72
CA ILE E 20 25.05 6.57 4.76
C ILE E 20 25.30 7.08 3.36
N ASN E 21 24.55 8.07 2.93
CA ASN E 21 24.59 8.55 1.54
C ASN E 21 24.80 7.46 0.54
N ASP E 22 23.87 6.48 0.47
CA ASP E 22 24.03 5.39 -0.45
C ASP E 22 22.68 4.69 -0.53
N LYS E 23 22.49 3.95 -1.59
CA LYS E 23 21.32 3.05 -1.70
C LYS E 23 21.57 1.82 -0.81
N ILE E 24 20.51 1.11 -0.47
CA ILE E 24 20.61 -0.14 0.21
C ILE E 24 21.18 -1.21 -0.72
N LEU E 25 22.18 -1.96 -0.23
CA LEU E 25 22.77 -3.06 -1.00
C LEU E 25 21.91 -4.33 -0.95
N SER E 26 21.46 -4.73 0.26
CA SER E 26 20.60 -5.91 0.40
C SER E 26 19.49 -5.67 1.36
N TYR E 27 18.37 -6.35 1.04
CA TYR E 27 17.13 -6.35 1.80
C TYR E 27 16.76 -7.79 2.13
N THR E 28 16.56 -8.07 3.40
CA THR E 28 16.14 -9.36 3.90
C THR E 28 14.89 -9.19 4.75
N GLU E 29 13.90 -10.00 4.49
CA GLU E 29 12.60 -9.97 5.17
C GLU E 29 12.23 -11.36 5.65
N SER E 30 11.86 -11.48 6.93
CA SER E 30 11.48 -12.76 7.54
C SER E 30 10.09 -12.72 8.16
N MET E 31 9.31 -13.74 7.89
CA MET E 31 8.02 -14.02 8.55
C MET E 31 8.16 -15.25 9.49
N ALA E 32 9.38 -15.71 9.69
CA ALA E 32 9.59 -16.83 10.67
C ALA E 32 9.24 -16.35 12.05
N GLY E 33 8.56 -17.21 12.80
CA GLY E 33 8.03 -16.80 14.08
C GLY E 33 9.15 -16.47 15.08
N LYS E 34 8.98 -15.39 15.83
CA LYS E 34 10.04 -14.80 16.69
C LYS E 34 11.13 -14.07 15.93
N ARG E 35 11.11 -14.09 14.59
CA ARG E 35 12.08 -13.42 13.79
C ARG E 35 11.36 -12.60 12.70
N GLU E 36 10.26 -11.98 13.08
CA GLU E 36 9.49 -11.16 12.12
C GLU E 36 10.21 -9.79 12.06
N MET E 37 11.10 -9.67 11.09
CA MET E 37 12.02 -8.54 11.08
C MET E 37 12.49 -8.31 9.65
N VAL E 38 13.17 -7.19 9.49
CA VAL E 38 13.85 -6.79 8.23
C VAL E 38 15.31 -6.47 8.56
N ILE E 39 16.21 -6.93 7.70
CA ILE E 39 17.62 -6.63 7.83
C ILE E 39 18.07 -5.97 6.53
N ILE E 40 18.81 -4.88 6.62
CA ILE E 40 19.41 -4.22 5.44
C ILE E 40 20.94 -4.12 5.60
N THR E 41 21.61 -4.11 4.45
CA THR E 41 23.07 -3.86 4.46
C THR E 41 23.39 -2.83 3.47
N PHE E 42 24.59 -2.29 3.65
CA PHE E 42 25.17 -1.34 2.73
C PHE E 42 26.58 -1.84 2.25
N LYS E 43 27.01 -1.31 1.13
CA LYS E 43 28.32 -1.69 0.60
C LYS E 43 29.46 -1.26 1.52
N SER E 44 29.23 -0.27 2.39
CA SER E 44 30.15 0.14 3.48
C SER E 44 30.48 -1.00 4.44
N GLY E 45 29.66 -2.05 4.44
CA GLY E 45 29.75 -3.18 5.35
C GLY E 45 28.82 -3.15 6.54
N GLU E 46 28.04 -2.10 6.68
N GLU E 46 28.05 -2.09 6.70
CA GLU E 46 27.11 -1.97 7.79
CA GLU E 46 27.14 -1.91 7.84
C GLU E 46 25.84 -2.81 7.56
C GLU E 46 25.84 -2.73 7.59
N THR E 47 25.36 -3.31 8.67
CA THR E 47 24.10 -4.12 8.71
C THR E 47 23.24 -3.45 9.73
N PHE E 48 21.94 -3.33 9.42
CA PHE E 48 20.97 -2.80 10.38
C PHE E 48 19.66 -3.59 10.32
N GLN E 49 18.97 -3.57 11.42
CA GLN E 49 17.66 -4.28 11.55
C GLN E 49 16.55 -3.33 11.90
N VAL E 50 15.33 -3.69 11.48
CA VAL E 50 14.13 -3.26 12.20
C VAL E 50 13.81 -4.42 13.15
N GLU E 51 13.81 -4.13 14.41
CA GLU E 51 13.64 -5.17 15.43
C GLU E 51 12.25 -5.83 15.34
N VAL E 52 12.23 -7.11 15.80
CA VAL E 52 10.99 -7.78 16.13
C VAL E 52 10.22 -6.96 17.15
N PRO E 53 8.91 -6.76 16.99
CA PRO E 53 8.15 -5.99 18.01
C PRO E 53 8.29 -6.74 19.32
N GLY E 54 8.49 -6.00 20.36
CA GLY E 54 8.77 -6.59 21.68
C GLY E 54 8.33 -5.69 22.81
N SER E 55 8.56 -6.17 24.04
CA SER E 55 7.97 -5.49 25.15
C SER E 55 8.65 -4.15 25.45
N GLN E 56 9.82 -3.88 24.85
CA GLN E 56 10.44 -2.58 24.98
C GLN E 56 9.63 -1.49 24.19
N HIS E 57 8.85 -1.94 23.20
CA HIS E 57 8.10 -0.99 22.34
C HIS E 57 6.86 -0.54 23.05
N ILE E 58 6.42 0.67 22.82
CA ILE E 58 5.16 1.20 23.30
C ILE E 58 4.14 1.10 22.21
N ASP E 59 2.87 1.12 22.56
CA ASP E 59 1.81 0.83 21.58
C ASP E 59 1.84 1.73 20.31
N SER E 60 2.19 2.99 20.53
CA SER E 60 2.33 3.96 19.41
C SER E 60 3.41 3.58 18.42
N GLN E 61 4.35 2.73 18.80
CA GLN E 61 5.38 2.27 17.89
C GLN E 61 4.91 1.15 16.95
N LYS E 62 3.79 0.50 17.24
CA LYS E 62 3.46 -0.72 16.42
C LYS E 62 3.27 -0.35 14.97
N LYS E 63 2.43 0.63 14.71
CA LYS E 63 2.22 1.04 13.30
C LYS E 63 3.49 1.64 12.71
N ALA E 64 4.28 2.30 13.53
CA ALA E 64 5.49 2.97 13.05
C ALA E 64 6.54 1.91 12.63
N ILE E 65 6.63 0.81 13.38
CA ILE E 65 7.54 -0.28 12.99
C ILE E 65 7.14 -0.81 11.63
N GLU E 66 5.84 -1.05 11.43
CA GLU E 66 5.38 -1.54 10.17
C GLU E 66 5.64 -0.51 9.05
N ARG E 67 5.41 0.76 9.30
CA ARG E 67 5.74 1.78 8.32
C ARG E 67 7.21 1.78 7.95
N MET E 68 8.08 1.67 8.92
CA MET E 68 9.55 1.67 8.67
C MET E 68 9.93 0.51 7.70
N LYS E 69 9.41 -0.69 7.98
CA LYS E 69 9.62 -1.83 7.04
C LYS E 69 9.07 -1.56 5.63
N ASP E 70 7.90 -0.94 5.56
CA ASP E 70 7.37 -0.57 4.24
C ASP E 70 8.34 0.38 3.55
N THR E 71 8.85 1.38 4.28
CA THR E 71 9.77 2.39 3.68
C THR E 71 11.05 1.72 3.23
N LEU E 72 11.60 0.81 4.02
CA LEU E 72 12.83 0.20 3.62
C LEU E 72 12.67 -0.64 2.32
N ARG E 73 11.57 -1.36 2.20
CA ARG E 73 11.35 -2.19 1.02
C ARG E 73 11.27 -1.30 -0.24
N ILE E 74 10.44 -0.25 -0.22
CA ILE E 74 10.32 0.56 -1.40
C ILE E 74 11.59 1.35 -1.68
N THR E 75 12.31 1.76 -0.64
CA THR E 75 13.63 2.41 -0.83
C THR E 75 14.61 1.50 -1.55
N TYR E 76 14.66 0.28 -1.07
CA TYR E 76 15.45 -0.74 -1.72
C TYR E 76 15.07 -0.96 -3.17
N LEU E 77 13.79 -1.14 -3.43
CA LEU E 77 13.34 -1.53 -4.77
C LEU E 77 13.58 -0.41 -5.77
N THR E 78 13.56 0.85 -5.33
CA THR E 78 13.73 2.01 -6.21
C THR E 78 15.15 2.51 -6.23
N GLU E 79 16.06 1.85 -5.50
CA GLU E 79 17.41 2.30 -5.36
C GLU E 79 17.53 3.73 -4.91
N THR E 80 16.63 4.16 -4.04
CA THR E 80 16.61 5.51 -3.50
C THR E 80 17.76 5.65 -2.48
N LYS E 81 18.56 6.70 -2.62
CA LYS E 81 19.65 6.88 -1.68
C LYS E 81 19.17 7.32 -0.30
N ILE E 82 19.70 6.63 0.69
CA ILE E 82 19.47 7.01 2.09
C ILE E 82 20.53 8.01 2.54
N ASP E 83 20.13 9.07 3.22
CA ASP E 83 21.10 10.04 3.76
C ASP E 83 21.69 9.62 5.09
N LYS E 84 20.85 9.59 6.13
CA LYS E 84 21.30 9.20 7.46
C LYS E 84 20.32 8.19 8.04
N LEU E 85 20.85 7.42 8.98
CA LEU E 85 20.01 6.62 9.88
C LEU E 85 20.26 7.01 11.32
N CYS E 86 19.23 7.08 12.14
CA CYS E 86 19.35 7.11 13.59
C CYS E 86 19.17 5.67 14.06
N VAL E 87 20.18 5.09 14.73
CA VAL E 87 20.12 3.68 15.22
C VAL E 87 20.32 3.63 16.72
N TRP E 88 19.80 2.55 17.31
CA TRP E 88 20.17 2.16 18.67
C TRP E 88 21.31 1.23 18.55
N ASN E 89 22.39 1.54 19.29
CA ASN E 89 23.59 0.78 19.19
C ASN E 89 23.78 -0.20 20.34
N ASN E 90 22.75 -0.48 21.12
CA ASN E 90 22.73 -1.50 22.15
C ASN E 90 22.02 -2.77 21.69
N LYS E 91 21.96 -2.90 20.36
CA LYS E 91 21.45 -4.11 19.65
C LYS E 91 22.41 -4.48 18.57
N THR E 92 22.46 -5.79 18.25
CA THR E 92 23.25 -6.33 17.19
C THR E 92 22.37 -7.19 16.26
N PRO E 93 22.26 -6.81 14.97
CA PRO E 93 22.78 -5.53 14.44
C PRO E 93 22.12 -4.32 14.98
N ASN E 94 22.74 -3.17 14.73
CA ASN E 94 22.15 -1.91 15.23
C ASN E 94 20.69 -1.79 14.72
N SER E 95 19.84 -1.13 15.52
CA SER E 95 18.43 -1.14 15.35
C SER E 95 17.97 0.22 14.85
N ILE E 96 17.19 0.26 13.77
CA ILE E 96 16.76 1.50 13.19
C ILE E 96 15.68 2.23 13.99
N ALA E 97 15.94 3.48 14.32
CA ALA E 97 14.98 4.37 14.92
C ALA E 97 14.40 5.36 13.90
N ALA E 98 15.22 5.84 13.03
CA ALA E 98 14.75 6.85 12.03
C ALA E 98 15.61 6.81 10.79
N ILE E 99 15.05 7.33 9.71
CA ILE E 99 15.67 7.36 8.41
C ILE E 99 15.45 8.70 7.82
N SER E 100 16.46 9.16 7.09
CA SER E 100 16.31 10.40 6.25
C SER E 100 16.82 10.12 4.83
N MET E 101 16.23 10.83 3.90
N MET E 101 16.22 10.77 3.87
CA MET E 101 16.51 10.66 2.44
CA MET E 101 16.67 10.66 2.45
C MET E 101 16.56 12.07 1.84
C MET E 101 16.58 12.05 1.85
N LYS E 102 17.52 12.38 0.96
CA LYS E 102 17.50 13.69 0.30
C LYS E 102 17.72 13.68 -1.22
N ASN E 103 17.12 14.65 -1.92
CA ASN E 103 17.00 14.60 -3.35
C ASN E 103 17.49 15.94 -3.88
C1 GOL F . -21.14 20.90 4.83
O1 GOL F . -20.00 21.75 5.04
C2 GOL F . -20.64 19.55 5.17
O2 GOL F . -19.93 19.15 4.02
C3 GOL F . -21.74 18.51 5.47
O3 GOL F . -21.47 17.85 6.76
C4 7BQ G . -3.05 20.61 15.46
C4 7BQ G . -3.03 20.62 15.40
C5 7BQ G . -4.49 20.12 15.33
C5 7BQ G . -4.48 20.20 15.31
C6 7BQ G . -4.51 18.70 14.78
C6 7BQ G . -4.66 18.70 14.97
C3 7BQ G . -3.04 21.99 16.12
C3 7BQ G . -3.00 22.07 15.94
O2 7BQ G . -3.87 23.31 17.92
O2 7BQ G . -3.84 23.56 17.58
C2 7BQ G . -3.87 21.97 17.38
C2 7BQ G . -3.79 22.18 17.22
O3 7BQ G . -1.65 22.29 16.40
O3 7BQ G . -1.57 22.45 16.09
O4 7BQ G . -2.27 19.68 16.27
O4 7BQ G . -2.27 19.73 16.27
O6 7BQ G . -5.84 18.22 14.75
O6 7BQ G . -5.96 18.46 14.44
O5 7BQ G . -5.16 20.12 16.63
O5 7BQ G . -5.13 20.32 16.61
C1 7BQ G . -5.28 21.50 17.06
C1 7BQ G . -5.22 21.66 17.08
CBQ 7BQ G . -6.22 21.58 18.25
CBQ 7BQ G . -5.92 21.70 18.42
CBE 7BQ G . -7.63 21.47 17.74
CBE 7BQ G . -7.40 21.62 18.20
NAA 7BQ G . -8.56 21.58 18.90
NAA 7BQ G . -8.14 22.16 19.43
C 7BQ G . -8.61 22.79 19.54
C 7BQ G . -8.47 23.48 19.47
O 7BQ G . -8.01 23.77 19.12
O 7BQ G . -8.16 24.31 18.61
CA 7BQ G . -9.48 23.05 20.79
CA 7BQ G . -9.21 23.98 20.69
N 7BQ G . -8.96 22.48 22.09
N 7BQ G . -8.88 23.19 21.91
CBS 7BQ G . -9.50 21.51 22.86
CBS 7BQ G . -7.69 23.41 22.51
OBV 7BQ G . -10.48 20.82 22.58
OBV 7BQ G . -6.93 24.29 22.11
CBT 7BQ G . -8.75 21.36 24.19
CBT 7BQ G . -7.45 22.69 23.82
CBU 7BQ G . -9.60 21.93 25.17
CBU 7BQ G . -7.35 23.69 24.81
CBW 7BQ G . -9.79 23.29 25.30
CBW 7BQ G . -6.09 24.11 25.19
CBX 7BQ G . -10.68 23.81 26.24
CBX 7BQ G . -5.95 25.10 26.14
CBY 7BQ G . -11.38 22.95 27.07
CBY 7BQ G . -7.07 25.66 26.71
CBZ 7BQ G . -11.18 21.59 26.95
CBZ 7BQ G . -8.33 25.29 26.33
CCA 7BQ G . -10.29 21.08 26.00
CCA 7BQ G . -8.46 24.29 25.38
CB 7BQ G . -10.88 22.78 20.51
CB 7BQ G . -10.70 23.84 20.42
CG 7BQ G . -11.44 23.55 19.28
CG 7BQ G . -11.18 24.37 19.06
CD1 7BQ G . -11.17 23.23 17.99
CD1 7BQ G . -11.06 23.76 17.89
ND2 7BQ G . -12.30 24.54 19.28
ND2 7BQ G . -11.80 25.51 18.86
NAJ 7BQ G . -12.54 24.86 17.96
NAJ 7BQ G . -12.14 25.60 17.55
NAI 7BQ G . -11.85 24.03 17.17
NAI 7BQ G . -11.65 24.51 16.99
CAR 7BQ G . -11.82 24.10 15.65
CAR 7BQ G . -11.81 24.22 15.55
CBA 7BQ G . -10.45 24.55 15.00
CBA 7BQ G . -10.40 24.34 15.12
OBC 7BQ G . -9.51 23.70 14.98
OBC 7BQ G . -9.73 23.25 15.28
OBB 7BQ G . -10.30 25.74 14.63
OBB 7BQ G . -9.96 25.50 14.92
OAS 7BQ G . -12.16 22.77 15.50
OAS 7BQ G . -12.27 22.89 15.50
CAQ 7BQ G . -12.94 24.95 15.21
CAQ 7BQ G . -12.77 25.21 15.01
CAP 7BQ G . -13.09 24.67 13.75
CAP 7BQ G . -13.01 24.77 13.54
OBD 7BQ G . -14.12 25.52 13.17
OBD 7BQ G . -14.08 25.59 13.02
CAO 7BQ G . -13.37 23.24 13.51
CAO 7BQ G . -13.34 23.28 13.45
NAN 7BQ G . -13.45 23.07 12.05
NAN 7BQ G . -13.60 22.89 12.01
CAL 7BQ G . -14.23 22.16 11.47
CAL 7BQ G . -14.42 21.89 11.63
OAM 7BQ G . -14.96 21.40 12.06
OAM 7BQ G . -15.04 21.13 12.37
CAK 7BQ G . -14.15 22.13 9.94
CAK 7BQ G . -14.52 21.69 10.12
CAT 7BQ G . -12.27 22.41 14.13
CAT 7BQ G . -12.25 22.46 14.15
CAU 7BQ G . -12.44 20.91 14.17
CAU 7BQ G . -12.48 20.96 14.16
OAZ 7BQ G . -13.69 20.47 14.77
OAZ 7BQ G . -13.87 20.65 14.44
CAV 7BQ G . -11.31 20.33 14.99
CAV 7BQ G . -11.60 20.22 15.19
OAY 7BQ G . -10.05 20.96 14.67
OAY 7BQ G . -10.21 20.51 14.99
CAW 7BQ G . -11.15 18.86 14.88
CAW 7BQ G . -11.84 18.72 15.16
OAX 7BQ G . -10.68 18.44 16.15
OAX 7BQ G . -11.04 17.90 15.99
C1 PEG H . -13.20 20.56 19.96
O1 PEG H . -12.25 19.92 20.86
C2 PEG H . -14.07 21.64 20.64
O2 PEG H . -13.63 21.96 21.95
C3 PEG H . -14.31 22.93 22.74
C4 PEG H . -13.30 23.71 23.59
O4 PEG H . -13.17 25.11 23.19
C1 GOL I . -19.85 18.74 -9.33
O1 GOL I . -19.37 18.78 -8.01
C2 GOL I . -19.47 19.99 -10.08
O2 GOL I . -18.07 20.40 -10.10
C3 GOL I . -19.87 19.78 -11.57
O3 GOL I . -19.54 20.97 -12.34
C1 GOL J . -21.63 1.92 -20.50
O1 GOL J . -22.55 0.94 -20.07
C2 GOL J . -20.50 2.22 -19.45
O2 GOL J . -20.82 2.07 -18.07
C3 GOL J . -19.25 1.38 -19.65
O3 GOL J . -18.27 2.35 -19.23
C4 7DB K . -24.02 9.67 -0.14
C5 7DB K . -24.26 8.23 0.12
C6 7DB K . -22.99 7.47 0.57
C3 7DB K . -25.35 10.36 -0.46
O2 7DB K . -27.61 10.53 0.11
C2 7DB K . -26.35 9.92 0.59
O3 7DB K . -25.20 11.76 -0.56
O4 7DB K . -23.44 10.31 0.95
O6 7DB K . -23.25 6.10 0.82
O5 7DB K . -25.25 7.90 1.11
C1 7DB K . -26.46 8.44 0.67
CBQ 7DB K . -27.54 7.99 1.68
CBE 7DB K . -27.83 6.51 1.32
NAA 7DB K . -28.58 5.77 2.37
C 7DB K . -29.94 6.02 2.48
O 7DB K . -30.49 6.84 1.76
CA 7DB K . -30.70 5.20 3.46
N 7DB K . -29.87 4.37 4.34
CBS 7DB K . -29.77 3.03 4.16
OBV 7DB K . -30.48 2.49 3.35
CBT 7DB K . -28.83 2.22 5.08
CBU 7DB K . -29.69 1.82 6.14
CBW 7DB K . -29.89 2.65 7.28
CBX 7DB K . -30.78 2.27 8.31
CBY 7DB K . -31.49 1.06 8.21
CBZ 7DB K . -31.32 0.23 7.10
CCA 7DB K . -30.44 0.61 6.06
CB 7DB K . -31.52 6.18 4.30
CG 7DB K . -32.49 5.49 5.23
CD1 7DB K . -33.84 5.25 5.05
ND2 7DB K . -32.18 5.09 6.46
NAJ 7DB K . -33.27 4.58 7.01
NAI 7DB K . -34.28 4.69 6.12
CAR 7DB K . -35.59 4.28 6.55
CBA 7DB K . -36.26 5.61 7.03
OBC 7DB K . -36.13 5.87 8.21
OBB 7DB K . -36.89 6.24 6.20
OAS 7DB K . -36.21 3.89 5.40
CAQ 7DB K . -35.48 3.23 7.63
CAP 7DB K . -36.88 2.65 7.81
OBD 7DB K . -36.72 1.53 8.79
CAO 7DB K . -37.50 2.19 6.58
NAN 7DB K . -38.88 1.71 6.90
CAL 7DB K . -39.35 0.56 6.46
OAM 7DB K . -38.77 -0.13 5.62
CAK 7DB K . -40.76 0.12 6.98
CAT 7DB K . -37.52 3.34 5.59
CAU 7DB K . -38.06 3.09 4.22
OAZ 7DB K . -37.46 1.93 3.62
CAV 7DB K . -37.92 4.30 3.27
OAY 7DB K . -38.44 5.53 3.89
CAW 7DB K . -38.66 4.06 1.94
OAX 7DB K . -38.22 4.95 0.95
C1 GOL L . -17.54 -14.76 -19.36
O1 GOL L . -17.57 -14.62 -20.77
C2 GOL L . -18.33 -13.65 -18.63
O2 GOL L . -17.93 -12.36 -19.12
C3 GOL L . -18.10 -14.00 -17.18
O3 GOL L . -18.63 -13.09 -16.34
C4 7DB M . -18.39 -17.53 -4.13
C5 7DB M . -17.58 -18.16 -3.03
C6 7DB M . -16.79 -17.11 -2.25
C3 7DB M . -19.34 -18.65 -4.75
O2 7DB M . -20.95 -20.32 -4.23
C2 7DB M . -20.15 -19.23 -3.64
O3 7DB M . -20.20 -17.96 -5.73
O4 7DB M . -19.21 -16.42 -3.75
O6 7DB M . -16.01 -17.83 -1.29
O5 7DB M . -18.48 -18.73 -2.03
C1 7DB M . -19.23 -19.81 -2.60
CBQ 7DB M . -19.89 -20.43 -1.42
CBE 7DB M . -18.71 -21.13 -0.67
NAA 7DB M . -19.13 -21.42 0.71
C 7DB M . -19.66 -22.64 1.03
O 7DB M . -19.87 -23.51 0.18
CA 7DB M . -19.86 -22.81 2.57
N 7DB M . -21.06 -22.14 3.01
CBS 7DB M . -20.93 -20.80 3.37
OBV 7DB M . -19.82 -20.24 3.44
CBT 7DB M . -22.18 -20.15 3.81
CBU 7DB M . -22.98 -19.44 2.80
CBW 7DB M . -23.67 -18.30 3.16
CBX 7DB M . -24.43 -17.60 2.24
CBY 7DB M . -24.51 -18.10 0.94
CBZ 7DB M . -23.77 -19.22 0.57
CCA 7DB M . -23.03 -19.92 1.51
CB 7DB M . -19.84 -24.27 2.87
CG 7DB M . -19.98 -24.50 4.38
CD1 7DB M . -20.96 -25.13 4.99
ND2 7DB M . -19.10 -24.09 5.29
NAJ 7DB M . -19.54 -24.47 6.50
NAI 7DB M . -20.69 -25.15 6.30
CAR 7DB M . -21.40 -25.73 7.51
CBA 7DB M . -22.73 -25.14 7.37
OBC 7DB M . -23.59 -25.88 6.76
OBB 7DB M . -22.85 -24.02 7.85
OAS 7DB M . -21.18 -27.12 7.23
CAQ 7DB M . -20.54 -25.36 8.86
CAP 7DB M . -21.14 -26.30 9.93
OBD 7DB M . -20.42 -26.02 11.13
CAO 7DB M . -20.94 -27.71 9.53
NAN 7DB M . -21.49 -28.42 10.67
CAL 7DB M . -20.75 -29.30 11.34
OAM 7DB M . -19.61 -29.61 11.07
CAK 7DB M . -21.43 -29.85 12.62
CAT 7DB M . -21.80 -27.89 8.29
CAU 7DB M . -21.91 -29.29 7.72
OAZ 7DB M . -20.60 -29.88 7.52
CAV 7DB M . -22.65 -29.25 6.30
OAY 7DB M . -23.85 -28.52 6.43
CAW 7DB M . -22.87 -30.64 5.72
OAX 7DB M . -23.36 -30.53 4.33
P PO4 N . -19.68 -27.94 -10.95
O1 PO4 N . -20.98 -28.59 -11.49
O2 PO4 N . -18.47 -28.62 -11.51
O3 PO4 N . -19.75 -26.51 -11.44
O4 PO4 N . -19.69 -28.12 -9.47
C1 GOL O . 0.68 -17.37 20.39
O1 GOL O . 0.15 -16.86 19.21
C2 GOL O . 1.09 -16.09 20.98
O2 GOL O . 0.18 -15.71 22.04
C3 GOL O . 2.48 -16.32 21.51
O3 GOL O . 3.31 -16.58 20.41
C4 7DB P . 5.79 -23.70 8.78
C5 7DB P . 6.04 -22.87 10.02
C6 7DB P . 5.35 -21.53 9.92
C3 7DB P . 6.37 -25.13 9.05
O2 7DB P . 6.57 -26.96 10.56
C2 7DB P . 5.85 -25.70 10.34
O3 7DB P . 6.03 -25.93 7.89
O4 7DB P . 4.38 -23.86 8.55
O6 7DB P . 5.78 -20.72 11.03
O5 7DB P . 5.54 -23.47 11.23
C1 7DB P . 6.22 -24.75 11.48
CBQ 7DB P . 5.78 -25.24 12.84
CBE 7DB P . 6.62 -24.47 13.85
NAA 7DB P . 6.29 -24.96 15.21
C 7DB P . 6.60 -26.15 15.61
O 7DB P . 7.36 -26.85 14.91
CA 7DB P . 6.26 -26.46 17.11
N 7DB P . 4.96 -27.20 17.19
CBS 7DB P . 3.82 -26.51 17.46
OBV 7DB P . 3.70 -25.25 17.42
CBT 7DB P . 2.60 -27.35 17.60
CBU 7DB P . 1.84 -27.26 16.40
CBW 7DB P . 0.59 -26.56 16.35
CBX 7DB P . -0.15 -26.54 15.16
CBY 7DB P . 0.32 -27.19 14.02
CBZ 7DB P . 1.54 -27.88 14.05
CCA 7DB P . 2.29 -27.91 15.24
CB 7DB P . 7.44 -27.21 17.74
CG 7DB P . 8.83 -26.60 17.51
CD1 7DB P . 9.16 -25.30 17.30
ND2 7DB P . 9.97 -27.27 17.50
NAJ 7DB P . 10.96 -26.51 17.23
NAI 7DB P . 10.45 -25.21 17.18
CAR 7DB P . 11.30 -24.10 16.78
CBA 7DB P . 11.40 -24.36 15.26
OBC 7DB P . 10.45 -23.96 14.51
OBB 7DB P . 12.49 -24.88 14.81
OAS 7DB P . 10.57 -22.97 17.04
CAQ 7DB P . 12.65 -24.11 17.53
CAP 7DB P . 13.39 -22.85 17.10
OBD 7DB P . 14.52 -22.76 18.04
CAO 7DB P . 12.56 -21.60 17.28
NAN 7DB P . 13.32 -20.47 16.72
CAL 7DB P . 13.23 -19.25 17.27
OAM 7DB P . 12.48 -18.94 18.16
CAK 7DB P . 14.11 -18.24 16.54
CAT 7DB P . 11.27 -21.80 16.52
CAU 7DB P . 10.22 -20.69 16.74
OAZ 7DB P . 10.04 -20.37 18.16
CAV 7DB P . 8.85 -21.12 16.16
OAY 7DB P . 9.01 -21.63 14.86
CAW 7DB P . 7.97 -19.87 16.16
OAX 7DB P . 6.56 -20.23 16.01
C4 7DB Q . 15.29 -0.08 21.20
C5 7DB Q . 14.20 0.84 21.60
C6 7DB Q . 12.94 0.69 20.75
C3 7DB Q . 16.53 0.04 22.15
O2 7DB Q . 17.19 0.11 24.42
C2 7DB Q . 16.01 -0.15 23.58
O3 7DB Q . 17.51 -0.97 21.73
O4 7DB Q . 14.86 -1.46 21.16
O6 7DB Q . 11.97 1.73 21.12
O5 7DB Q . 13.78 0.65 22.96
C1 7DB Q . 14.92 0.90 23.83
CBQ 7DB Q . 14.44 0.77 25.22
CBE 7DB Q . 13.73 2.02 25.56
NAA 7DB Q . 13.35 2.09 26.99
C 7DB Q . 14.17 2.28 27.93
O 7DB Q . 15.34 2.49 27.71
CA 7DB Q . 13.45 2.38 29.33
N 7DB Q . 13.58 1.09 30.09
CBS 7DB Q . 12.41 0.54 30.57
OBV 7DB Q . 11.28 1.05 30.51
CBT 7DB Q . 12.60 -0.78 31.34
CBU 7DB Q . 12.26 -0.43 32.70
CBW 7DB Q . 13.23 0.18 33.51
CBX 7DB Q . 12.89 0.52 34.83
CBY 7DB Q . 11.59 0.27 35.32
CBZ 7DB Q . 10.64 -0.35 34.52
CCA 7DB Q . 10.96 -0.71 33.19
CB 7DB Q . 13.87 3.46 30.24
CG 7DB Q . 14.11 4.75 29.52
CD1 7DB Q . 13.61 5.21 28.35
ND2 7DB Q . 15.05 5.58 30.01
NAJ 7DB Q . 15.10 6.63 29.13
NAI 7DB Q . 14.22 6.38 28.16
CAR 7DB Q . 14.11 7.36 27.04
CBA 7DB Q . 15.12 6.77 25.98
OBC 7DB Q . 14.69 5.86 25.24
OBB 7DB Q . 16.26 7.31 25.88
OAS 7DB Q . 12.81 7.29 26.62
CAQ 7DB Q . 14.49 8.77 27.48
CAP 7DB Q . 14.19 9.76 26.35
OBD 7DB Q . 14.24 11.17 26.84
CAO 7DB Q . 12.74 9.53 25.81
NAN 7DB Q . 12.60 10.37 24.59
CAL 7DB Q . 11.46 10.91 24.24
OAM 7DB Q . 10.42 10.75 24.84
CAK 7DB Q . 11.52 11.84 23.01
CAT 7DB Q . 12.56 8.06 25.45
CAU 7DB Q . 11.15 7.60 25.02
OAZ 7DB Q . 10.19 8.10 25.88
CAV 7DB Q . 11.07 6.07 24.97
OAY 7DB Q . 12.14 5.50 24.25
CAW 7DB Q . 9.71 5.63 24.34
OAX 7DB Q . 9.45 4.26 24.60
#